data_5OX3
#
_entry.id   5OX3
#
_cell.length_a   128.550
_cell.length_b   128.550
_cell.length_c   116.190
_cell.angle_alpha   90.00
_cell.angle_beta   90.00
_cell.angle_gamma   90.00
#
_symmetry.space_group_name_H-M   'P 43 21 2'
#
loop_
_entity.id
_entity.type
_entity.pdbx_description
1 polymer 'Glycogen phosphorylase, muscle form'
2 non-polymer (1S)-1,5-anhydro-1-[3-(4-hydroxyphenyl)-1H-1,2,4-triazol-5-yl]-D-glucitol
3 non-polymer "PYRIDOXAL-5'-PHOSPHATE"
4 non-polymer 'INOSINIC ACID'
5 water water
#
_entity_poly.entity_id   1
_entity_poly.type   'polypeptide(L)'
_entity_poly.pdbx_seq_one_letter_code
;MSRPLSDQEKRKQISVRGLAGVENVTELKKNFNRHLHFTLVKDRNVATPRDYYFALAHTVRDHLVGRWIRTQQHYYEKDP
KRIYYLSLEFYMGRTLQNTMVNLALENACDEATYQLGLDMEELEEIEEDAGLGNGGLGRLAACFLDSMATLGLAAYGYGI
RYEFGIFNQKICGGWQMEEADDWLRYGNPWEKARPEFTLPVHFYGRVEHTSQGAKWVDTQVVLAMPYDTPVPGYRNNVVN
TMRLWSAKAPNDFNLKDFNVGGYIQAVLDRNLAENISRVLYPNDNFFEGKELRLKQEYFVVAATLQDIIRRFKSSKFGCR
DPVRTNFDAFPDKVAIQLNDTHPSLAIPELMRVLVDLERLDWDKAWEVTVKTCAYTNHTVLPEALERWPVHLLETLLPRH
LQIIYEINQRFLNRVAAAFPGDVDRLRRMSLVEEGAVKRINMAHLCIAGSHAVNGVARIHSEILKKTIFKDFYELEPHKF
QNKTNGITPRRWLVLCNPGLAEIIAERIGEEYISDLDQLRKLLSYVDDEAFIRDVAKVKQENKLKFAAYLEREYKVHINP
NSLFDVQVKRIHEYKRQLLNCLHVITLYNRIKKEPNKFVVPRTVMIGGKAAPGYHMAKMIIKLITAIGDVVNHDPVVGDR
LRVIFLENYRVSLAEKVIPAADLSEQISTAGTEASGTGNMKFMLNGALTIGTMDGANVEMAEEAGEENFFIFGMRVEDVD
RLDQRGYNAQEYYDRIPELRQIIEQLSSGFFSPKQPDLFKDIVNMLMHHDRFKVFADYEEYVKCQERVSALYKNPREWTR
MVIRNIATSGKFSSDRTIAQYAREIWGVEPSRQRLPAPDEKIP
;
_entity_poly.pdbx_strand_id   A
#
loop_
_chem_comp.id
_chem_comp.type
_chem_comp.name
_chem_comp.formula
B1N D-saccharide (1S)-1,5-anhydro-1-[3-(4-hydroxyphenyl)-1H-1,2,4-triazol-5-yl]-D-glucitol 'C14 H17 N3 O6'
IMP non-polymer 'INOSINIC ACID' 'C10 H13 N4 O8 P'
PLP non-polymer PYRIDOXAL-5'-PHOSPHATE 'C8 H10 N O6 P'
#
# COMPACT_ATOMS: atom_id res chain seq x y z
N GLN A 13 32.11 -2.02 2.65
CA GLN A 13 31.88 -1.67 4.08
C GLN A 13 31.17 -2.82 4.85
N ILE A 14 29.91 -3.14 4.48
CA ILE A 14 29.15 -4.28 5.06
C ILE A 14 28.85 -5.34 3.98
N SER A 15 28.90 -6.60 4.37
CA SER A 15 28.88 -7.77 3.45
C SER A 15 27.64 -7.87 2.55
N VAL A 16 26.45 -7.70 3.14
CA VAL A 16 25.20 -7.80 2.37
C VAL A 16 25.05 -6.72 1.27
N ARG A 17 25.90 -5.70 1.27
CA ARG A 17 25.90 -4.69 0.21
C ARG A 17 26.77 -5.05 -1.02
N GLY A 18 27.39 -6.23 -1.02
CA GLY A 18 28.11 -6.76 -2.20
C GLY A 18 29.58 -6.39 -2.29
N LEU A 19 30.20 -6.77 -3.40
CA LEU A 19 31.64 -6.53 -3.63
C LEU A 19 31.93 -5.15 -4.26
N ALA A 20 33.04 -4.55 -3.86
CA ALA A 20 33.54 -3.34 -4.52
C ALA A 20 34.89 -3.66 -5.20
N GLY A 21 34.81 -4.44 -6.28
CA GLY A 21 35.98 -4.78 -7.10
C GLY A 21 36.55 -3.61 -7.89
N VAL A 22 37.86 -3.59 -8.05
CA VAL A 22 38.57 -2.48 -8.68
C VAL A 22 38.07 -2.18 -10.11
N GLU A 23 37.78 -3.25 -10.88
CA GLU A 23 37.31 -3.12 -12.27
C GLU A 23 35.94 -2.45 -12.30
N ASN A 24 35.05 -2.94 -11.44
CA ASN A 24 33.69 -2.46 -11.36
C ASN A 24 33.66 -0.99 -10.90
N VAL A 25 34.44 -0.66 -9.87
CA VAL A 25 34.53 0.71 -9.38
C VAL A 25 35.06 1.66 -10.45
N THR A 26 36.10 1.23 -11.16
CA THR A 26 36.69 2.03 -12.25
C THR A 26 35.63 2.32 -13.36
N GLU A 27 34.89 1.28 -13.73
CA GLU A 27 33.87 1.37 -14.79
C GLU A 27 32.70 2.27 -14.39
N LEU A 28 32.23 2.15 -13.15
CA LEU A 28 31.18 3.01 -12.62
C LEU A 28 31.60 4.47 -12.62
N LYS A 29 32.82 4.77 -12.19
CA LYS A 29 33.35 6.13 -12.25
C LYS A 29 33.41 6.73 -13.67
N LYS A 30 33.89 5.95 -14.63
CA LYS A 30 33.92 6.36 -16.05
C LYS A 30 32.51 6.72 -16.55
N ASN A 31 31.56 5.84 -16.28
CA ASN A 31 30.20 6.02 -16.76
C ASN A 31 29.46 7.15 -16.06
N PHE A 32 29.73 7.35 -14.78
CA PHE A 32 29.22 8.51 -14.04
C PHE A 32 29.67 9.82 -14.73
N ASN A 33 30.96 9.94 -15.02
CA ASN A 33 31.49 11.14 -15.70
C ASN A 33 30.98 11.28 -17.13
N ARG A 34 30.79 10.16 -17.83
CA ARG A 34 30.16 10.15 -19.14
C ARG A 34 28.74 10.72 -19.09
N HIS A 35 27.92 10.23 -18.16
CA HIS A 35 26.55 10.74 -18.06
C HIS A 35 26.51 12.23 -17.62
N LEU A 36 27.40 12.64 -16.72
CA LEU A 36 27.41 14.04 -16.28
C LEU A 36 27.66 14.97 -17.48
N HIS A 37 28.62 14.59 -18.32
CA HIS A 37 29.03 15.36 -19.49
C HIS A 37 27.97 15.25 -20.58
N PHE A 38 27.74 14.04 -21.08
CA PHE A 38 26.88 13.83 -22.27
C PHE A 38 25.38 13.83 -22.02
N THR A 39 24.93 13.27 -20.92
CA THR A 39 23.51 13.15 -20.66
C THR A 39 23.00 14.43 -20.02
N LEU A 40 23.72 14.92 -19.02
CA LEU A 40 23.27 16.09 -18.29
C LEU A 40 23.77 17.40 -18.85
N VAL A 41 24.82 17.39 -19.68
CA VAL A 41 25.42 18.59 -20.26
C VAL A 41 25.84 19.59 -19.17
N LYS A 42 26.59 19.08 -18.20
CA LYS A 42 27.19 19.89 -17.13
C LYS A 42 28.67 19.57 -17.03
N ASP A 43 29.49 20.50 -16.54
CA ASP A 43 30.85 20.15 -16.08
C ASP A 43 30.83 20.22 -14.57
N ARG A 44 31.82 19.60 -13.92
CA ARG A 44 31.92 19.56 -12.44
C ARG A 44 31.81 20.95 -11.80
N ASN A 45 32.27 22.00 -12.48
CA ASN A 45 32.31 23.35 -11.90
C ASN A 45 30.95 24.00 -11.62
N VAL A 46 29.91 23.62 -12.36
CA VAL A 46 28.55 24.11 -12.08
C VAL A 46 27.56 23.00 -11.65
N ALA A 47 28.02 21.76 -11.51
CA ALA A 47 27.13 20.66 -11.13
C ALA A 47 26.67 20.80 -9.68
N THR A 48 25.38 20.58 -9.47
CA THR A 48 24.79 20.58 -8.13
C THR A 48 24.61 19.15 -7.65
N PRO A 49 24.29 18.98 -6.36
CA PRO A 49 23.98 17.62 -5.93
C PRO A 49 22.87 16.92 -6.75
N ARG A 50 21.89 17.67 -7.27
CA ARG A 50 20.85 17.04 -8.10
C ARG A 50 21.42 16.49 -9.39
N ASP A 51 22.33 17.22 -10.01
CA ASP A 51 23.05 16.72 -11.21
C ASP A 51 23.79 15.42 -10.89
N TYR A 52 24.43 15.35 -9.73
CA TYR A 52 25.15 14.14 -9.34
C TYR A 52 24.23 12.94 -9.09
N TYR A 53 23.07 13.19 -8.44
CA TYR A 53 22.05 12.17 -8.32
C TYR A 53 21.66 11.63 -9.71
N PHE A 54 21.35 12.50 -10.66
CA PHE A 54 20.96 12.04 -12.01
C PHE A 54 22.05 11.25 -12.74
N ALA A 55 23.29 11.68 -12.60
CA ALA A 55 24.41 10.99 -13.24
C ALA A 55 24.53 9.59 -12.64
N LEU A 56 24.34 9.47 -11.32
CA LEU A 56 24.37 8.15 -10.69
C LEU A 56 23.19 7.29 -11.13
N ALA A 57 22.00 7.86 -11.13
CA ALA A 57 20.79 7.13 -11.57
C ALA A 57 20.93 6.59 -13.01
N HIS A 58 21.43 7.42 -13.92
CA HIS A 58 21.66 6.95 -15.30
C HIS A 58 22.72 5.85 -15.36
N THR A 59 23.73 5.94 -14.49
CA THR A 59 24.80 4.95 -14.46
C THR A 59 24.24 3.59 -14.03
N VAL A 60 23.45 3.60 -12.97
CA VAL A 60 22.82 2.37 -12.46
C VAL A 60 21.77 1.82 -13.43
N ARG A 61 21.01 2.70 -14.04
CA ARG A 61 20.03 2.31 -15.05
C ARG A 61 20.66 1.54 -16.20
N ASP A 62 21.84 1.96 -16.67
CA ASP A 62 22.54 1.26 -17.74
C ASP A 62 22.73 -0.25 -17.43
N HIS A 63 22.97 -0.59 -16.17
CA HIS A 63 23.09 -2.00 -15.73
C HIS A 63 21.80 -2.83 -15.76
N LEU A 64 20.66 -2.16 -15.71
CA LEU A 64 19.37 -2.83 -15.82
C LEU A 64 19.06 -3.24 -17.24
N VAL A 65 19.58 -2.47 -18.20
CA VAL A 65 19.00 -2.46 -19.56
C VAL A 65 19.18 -3.77 -20.27
N GLY A 66 20.38 -4.31 -20.20
CA GLY A 66 20.72 -5.56 -20.86
C GLY A 66 19.87 -6.70 -20.33
N ARG A 67 19.72 -6.70 -19.01
CA ARG A 67 18.90 -7.71 -18.33
C ARG A 67 17.41 -7.58 -18.68
N TRP A 68 16.93 -6.35 -18.78
CA TRP A 68 15.56 -6.06 -19.15
C TRP A 68 15.24 -6.58 -20.56
N ILE A 69 16.10 -6.25 -21.51
CA ILE A 69 15.95 -6.73 -22.89
C ILE A 69 15.98 -8.27 -22.95
N ARG A 70 16.93 -8.88 -22.26
CA ARG A 70 17.11 -10.35 -22.29
C ARG A 70 15.94 -11.08 -21.61
N THR A 71 15.44 -10.52 -20.51
CA THR A 71 14.29 -11.09 -19.83
C THR A 71 13.07 -11.09 -20.76
N GLN A 72 12.76 -9.96 -21.36
CA GLN A 72 11.58 -9.84 -22.22
C GLN A 72 11.71 -10.72 -23.48
N GLN A 73 12.92 -10.83 -24.00
CA GLN A 73 13.26 -11.76 -25.11
C GLN A 73 13.01 -13.21 -24.67
N HIS A 74 13.49 -13.56 -23.49
CA HIS A 74 13.30 -14.89 -22.92
C HIS A 74 11.82 -15.27 -22.81
N TYR A 75 10.96 -14.35 -22.39
CA TYR A 75 9.52 -14.62 -22.31
C TYR A 75 8.88 -14.80 -23.68
N TYR A 76 9.33 -14.04 -24.67
CA TYR A 76 8.84 -14.21 -26.03
C TYR A 76 9.15 -15.63 -26.57
N GLU A 77 10.35 -16.12 -26.29
CA GLU A 77 10.80 -17.43 -26.77
C GLU A 77 10.17 -18.59 -26.04
N LYS A 78 10.18 -18.56 -24.72
CA LYS A 78 9.62 -19.62 -23.89
C LYS A 78 8.08 -19.61 -23.83
N ASP A 79 7.46 -18.46 -24.06
CA ASP A 79 6.01 -18.31 -24.02
C ASP A 79 5.36 -18.90 -22.74
N PRO A 80 5.84 -18.49 -21.55
CA PRO A 80 5.20 -18.96 -20.31
C PRO A 80 3.83 -18.32 -20.15
N LYS A 81 3.03 -18.84 -19.23
CA LYS A 81 1.82 -18.16 -18.80
C LYS A 81 2.17 -16.77 -18.22
N ARG A 82 1.47 -15.75 -18.67
CA ARG A 82 1.75 -14.37 -18.25
C ARG A 82 0.76 -13.93 -17.16
N ILE A 83 1.26 -13.26 -16.14
CA ILE A 83 0.46 -12.75 -15.02
C ILE A 83 0.35 -11.23 -15.18
N TYR A 84 -0.89 -10.75 -15.24
CA TYR A 84 -1.17 -9.32 -15.35
C TYR A 84 -1.83 -8.83 -14.07
N TYR A 85 -1.11 -7.95 -13.36
CA TYR A 85 -1.55 -7.42 -12.08
C TYR A 85 -2.08 -6.00 -12.31
N LEU A 86 -3.39 -5.86 -12.30
CA LEU A 86 -4.08 -4.62 -12.62
C LEU A 86 -4.43 -3.86 -11.34
N SER A 87 -3.96 -2.62 -11.24
CA SER A 87 -4.13 -1.79 -10.07
C SER A 87 -4.22 -0.33 -10.47
N LEU A 88 -5.06 0.42 -9.75
CA LEU A 88 -5.10 1.86 -9.91
C LEU A 88 -3.96 2.55 -9.16
N GLU A 89 -3.23 1.78 -8.35
CA GLU A 89 -2.21 2.32 -7.46
C GLU A 89 -1.00 1.42 -7.41
N PHE A 90 0.18 2.04 -7.53
CA PHE A 90 1.49 1.41 -7.32
C PHE A 90 2.34 2.38 -6.52
N TYR A 91 2.51 2.11 -5.24
CA TYR A 91 3.18 3.04 -4.35
C TYR A 91 4.65 2.63 -4.28
N MET A 92 5.43 3.11 -5.25
CA MET A 92 6.78 2.59 -5.49
C MET A 92 7.88 3.16 -4.58
N GLY A 93 7.73 4.41 -4.16
CA GLY A 93 8.78 5.10 -3.44
C GLY A 93 9.97 5.39 -4.36
N ARG A 94 11.15 5.50 -3.77
CA ARG A 94 12.41 5.69 -4.54
C ARG A 94 12.91 4.41 -5.17
N THR A 95 13.65 4.55 -6.26
CA THR A 95 14.14 3.43 -7.08
C THR A 95 15.64 3.20 -7.02
N LEU A 96 16.44 4.24 -6.74
CA LEU A 96 17.88 4.13 -6.90
C LEU A 96 18.48 3.06 -6.00
N GLN A 97 18.22 3.17 -4.70
CA GLN A 97 18.81 2.21 -3.75
C GLN A 97 18.28 0.80 -3.97
N ASN A 98 16.98 0.67 -4.25
CA ASN A 98 16.40 -0.65 -4.45
C ASN A 98 17.03 -1.36 -5.64
N THR A 99 17.31 -0.58 -6.68
CA THR A 99 17.96 -1.13 -7.89
C THR A 99 19.39 -1.60 -7.57
N MET A 100 20.14 -0.80 -6.85
CA MET A 100 21.48 -1.17 -6.43
C MET A 100 21.45 -2.45 -5.58
N VAL A 101 20.52 -2.53 -4.62
CA VAL A 101 20.41 -3.73 -3.76
C VAL A 101 20.16 -4.99 -4.61
N ASN A 102 19.18 -4.90 -5.51
CA ASN A 102 18.81 -6.03 -6.34
C ASN A 102 19.83 -6.45 -7.40
N LEU A 103 20.73 -5.55 -7.78
CA LEU A 103 21.82 -5.87 -8.71
C LEU A 103 23.18 -6.08 -8.01
N ALA A 104 23.20 -6.03 -6.69
CA ALA A 104 24.42 -6.22 -5.89
C ALA A 104 25.48 -5.15 -6.17
N LEU A 105 25.04 -3.93 -6.42
CA LEU A 105 25.91 -2.80 -6.80
C LEU A 105 26.11 -1.79 -5.69
N GLU A 106 25.49 -1.97 -4.54
CA GLU A 106 25.50 -0.92 -3.52
C GLU A 106 26.92 -0.52 -3.03
N ASN A 107 27.76 -1.50 -2.71
CA ASN A 107 29.10 -1.17 -2.17
C ASN A 107 30.00 -0.58 -3.25
N ALA A 108 29.88 -1.10 -4.48
CA ALA A 108 30.64 -0.58 -5.60
C ALA A 108 30.27 0.88 -5.92
N CYS A 109 28.97 1.20 -5.90
CA CYS A 109 28.52 2.57 -6.14
C CYS A 109 28.98 3.49 -5.01
N ASP A 110 28.94 2.98 -3.78
CA ASP A 110 29.42 3.72 -2.61
C ASP A 110 30.88 4.09 -2.75
N GLU A 111 31.69 3.12 -3.14
CA GLU A 111 33.12 3.32 -3.34
C GLU A 111 33.41 4.26 -4.52
N ALA A 112 32.70 4.05 -5.63
CA ALA A 112 32.88 4.87 -6.82
C ALA A 112 32.58 6.34 -6.52
N THR A 113 31.44 6.59 -5.90
CA THR A 113 31.04 7.96 -5.55
C THR A 113 32.00 8.56 -4.50
N TYR A 114 32.36 7.77 -3.48
CA TYR A 114 33.37 8.20 -2.48
C TYR A 114 34.66 8.70 -3.13
N GLN A 115 35.17 7.96 -4.12
CA GLN A 115 36.40 8.35 -4.83
C GLN A 115 36.24 9.62 -5.69
N LEU A 116 35.02 9.91 -6.12
CA LEU A 116 34.69 11.15 -6.79
C LEU A 116 34.40 12.33 -5.85
N GLY A 117 34.50 12.11 -4.53
CA GLY A 117 34.33 13.17 -3.53
C GLY A 117 32.89 13.41 -3.14
N LEU A 118 32.03 12.39 -3.32
CA LEU A 118 30.59 12.55 -3.10
C LEU A 118 30.12 11.52 -2.09
N ASP A 119 29.05 11.85 -1.38
CA ASP A 119 28.42 11.01 -0.39
C ASP A 119 27.12 10.47 -1.00
N MET A 120 27.10 9.16 -1.26
CA MET A 120 25.96 8.53 -1.94
C MET A 120 24.65 8.64 -1.17
N GLU A 121 24.73 8.55 0.14
CA GLU A 121 23.53 8.73 0.99
C GLU A 121 22.85 10.08 0.76
N GLU A 122 23.65 11.12 0.62
CA GLU A 122 23.15 12.47 0.35
C GLU A 122 22.47 12.53 -1.04
N LEU A 123 23.07 11.84 -2.01
CA LEU A 123 22.49 11.80 -3.37
C LEU A 123 21.17 11.04 -3.38
N GLU A 124 21.09 9.93 -2.65
CA GLU A 124 19.83 9.18 -2.54
C GLU A 124 18.64 10.03 -2.07
N GLU A 125 18.91 10.97 -1.16
CA GLU A 125 17.87 11.82 -0.57
C GLU A 125 17.28 12.81 -1.54
N ILE A 126 17.92 13.01 -2.69
CA ILE A 126 17.40 13.93 -3.70
C ILE A 126 16.26 13.33 -4.51
N GLU A 127 16.23 12.00 -4.64
CA GLU A 127 15.24 11.35 -5.50
C GLU A 127 13.84 11.56 -4.90
N GLU A 128 12.88 11.85 -5.77
CA GLU A 128 11.46 11.98 -5.37
C GLU A 128 10.87 10.57 -5.19
N ASP A 129 10.01 10.37 -4.19
CA ASP A 129 9.13 9.17 -4.20
C ASP A 129 8.22 9.15 -5.42
N ALA A 130 8.10 7.99 -6.03
CA ALA A 130 7.01 7.76 -6.93
C ALA A 130 5.79 7.42 -6.03
N GLY A 131 4.96 8.43 -5.75
CA GLY A 131 3.86 8.32 -4.81
C GLY A 131 2.53 8.04 -5.47
N LEU A 132 2.47 6.99 -6.27
CA LEU A 132 1.29 6.72 -7.08
C LEU A 132 0.30 5.81 -6.34
N GLY A 133 0.17 6.01 -5.04
CA GLY A 133 -0.84 5.30 -4.26
C GLY A 133 -1.12 6.03 -2.97
N ASN A 134 -2.11 5.54 -2.22
CA ASN A 134 -2.55 6.20 -1.00
C ASN A 134 -1.92 5.62 0.26
N GLY A 135 -1.64 4.33 0.27
CA GLY A 135 -1.17 3.65 1.49
C GLY A 135 -0.97 2.19 1.21
N GLY A 136 -1.61 1.35 2.02
CA GLY A 136 -1.35 -0.09 2.05
C GLY A 136 -1.65 -0.85 0.76
N LEU A 137 -2.76 -0.52 0.12
CA LEU A 137 -3.17 -1.19 -1.12
C LEU A 137 -2.15 -0.92 -2.22
N GLY A 138 -1.77 0.34 -2.38
CA GLY A 138 -0.76 0.66 -3.39
C GLY A 138 0.63 0.14 -3.06
N ARG A 139 0.97 0.15 -1.79
CA ARG A 139 2.29 -0.38 -1.40
C ARG A 139 2.34 -1.90 -1.54
N LEU A 140 1.23 -2.58 -1.32
CA LEU A 140 1.16 -4.03 -1.53
C LEU A 140 1.45 -4.40 -2.97
N ALA A 141 0.88 -3.63 -3.90
CA ALA A 141 1.16 -3.81 -5.31
C ALA A 141 2.64 -3.68 -5.62
N ALA A 142 3.30 -2.72 -4.99
CA ALA A 142 4.74 -2.54 -5.18
C ALA A 142 5.57 -3.70 -4.63
N CYS A 143 5.24 -4.16 -3.43
CA CYS A 143 5.93 -5.33 -2.85
C CYS A 143 5.75 -6.57 -3.72
N PHE A 144 4.54 -6.75 -4.21
CA PHE A 144 4.19 -7.87 -5.09
C PHE A 144 5.00 -7.85 -6.38
N LEU A 145 5.20 -6.70 -7.00
CA LEU A 145 6.04 -6.65 -8.21
C LEU A 145 7.47 -7.11 -7.92
N ASP A 146 8.00 -6.68 -6.77
CA ASP A 146 9.34 -7.06 -6.36
C ASP A 146 9.42 -8.60 -6.16
N SER A 147 8.42 -9.17 -5.48
CA SER A 147 8.38 -10.62 -5.25
C SER A 147 8.16 -11.42 -6.55
N MET A 148 7.33 -10.93 -7.45
CA MET A 148 7.10 -11.65 -8.72
C MET A 148 8.37 -11.74 -9.56
N ALA A 149 9.15 -10.67 -9.61
CA ALA A 149 10.44 -10.67 -10.28
C ALA A 149 11.47 -11.56 -9.60
N THR A 150 11.50 -11.50 -8.28
CA THR A 150 12.42 -12.33 -7.49
C THR A 150 12.09 -13.83 -7.64
N LEU A 151 10.82 -14.16 -7.85
CA LEU A 151 10.41 -15.53 -8.07
C LEU A 151 10.31 -15.98 -9.53
N GLY A 152 10.84 -15.17 -10.45
CA GLY A 152 10.97 -15.55 -11.86
C GLY A 152 9.68 -15.69 -12.61
N LEU A 153 8.62 -14.98 -12.19
CA LEU A 153 7.33 -15.08 -12.85
C LEU A 153 7.27 -14.07 -13.98
N ALA A 154 6.61 -14.46 -15.07
CA ALA A 154 6.48 -13.58 -16.24
C ALA A 154 5.32 -12.62 -15.95
N ALA A 155 5.59 -11.62 -15.12
CA ALA A 155 4.57 -10.77 -14.54
C ALA A 155 4.68 -9.34 -15.02
N TYR A 156 3.52 -8.70 -15.20
CA TYR A 156 3.43 -7.29 -15.65
C TYR A 156 2.50 -6.56 -14.72
N GLY A 157 2.93 -5.40 -14.22
CA GLY A 157 2.04 -4.53 -13.48
C GLY A 157 1.51 -3.52 -14.46
N TYR A 158 0.21 -3.29 -14.44
CA TYR A 158 -0.44 -2.30 -15.31
C TYR A 158 -1.23 -1.32 -14.46
N GLY A 159 -1.02 -0.04 -14.73
CA GLY A 159 -1.64 1.06 -14.02
C GLY A 159 -1.69 2.34 -14.83
N ILE A 160 -1.84 3.45 -14.12
CA ILE A 160 -1.90 4.79 -14.68
C ILE A 160 -0.72 5.60 -14.19
N ARG A 161 -0.10 6.32 -15.11
CA ARG A 161 0.99 7.23 -14.81
C ARG A 161 0.36 8.56 -14.43
N TYR A 162 0.03 8.74 -13.17
CA TYR A 162 -0.53 10.01 -12.72
C TYR A 162 0.54 11.07 -12.81
N GLU A 163 0.20 12.25 -13.33
CA GLU A 163 1.11 13.38 -13.31
C GLU A 163 1.36 13.87 -11.86
N PHE A 164 0.32 13.78 -11.03
CA PHE A 164 0.40 14.16 -9.64
C PHE A 164 -0.03 12.97 -8.78
N GLY A 165 0.88 12.54 -7.93
CA GLY A 165 0.64 11.42 -7.04
C GLY A 165 -0.02 11.93 -5.78
N ILE A 166 0.13 11.16 -4.71
CA ILE A 166 -0.46 11.54 -3.42
C ILE A 166 0.11 12.91 -3.01
N PHE A 167 -0.75 13.84 -2.61
CA PHE A 167 -0.34 15.19 -2.25
C PHE A 167 0.78 15.22 -1.18
N ASN A 168 1.64 16.23 -1.25
CA ASN A 168 2.55 16.56 -0.17
C ASN A 168 1.78 17.27 0.94
N GLN A 169 1.98 16.80 2.15
CA GLN A 169 1.33 17.34 3.35
C GLN A 169 2.25 18.32 4.04
N LYS A 170 1.74 19.54 4.25
CA LYS A 170 2.37 20.54 5.10
C LYS A 170 1.44 20.73 6.28
N ILE A 171 2.01 21.01 7.45
CA ILE A 171 1.25 21.36 8.64
C ILE A 171 1.44 22.85 8.88
N CYS A 172 0.35 23.60 8.87
CA CYS A 172 0.37 25.04 9.13
CA CYS A 172 0.36 25.05 9.12
C CYS A 172 -0.59 25.36 10.27
N GLY A 173 -0.05 25.91 11.37
CA GLY A 173 -0.85 26.21 12.57
C GLY A 173 -1.51 24.95 13.13
N GLY A 174 -0.84 23.81 12.98
CA GLY A 174 -1.39 22.51 13.39
C GLY A 174 -2.40 21.83 12.44
N TRP A 175 -2.71 22.45 11.30
CA TRP A 175 -3.65 21.93 10.32
C TRP A 175 -2.93 21.40 9.08
N GLN A 176 -3.43 20.31 8.55
CA GLN A 176 -2.98 19.81 7.26
C GLN A 176 -3.33 20.81 6.14
N MET A 177 -2.33 21.14 5.34
CA MET A 177 -2.50 21.79 4.06
C MET A 177 -1.96 20.81 2.99
N GLU A 178 -2.58 20.82 1.82
CA GLU A 178 -2.19 19.96 0.71
C GLU A 178 -1.47 20.76 -0.39
N GLU A 179 -0.39 20.17 -0.92
CA GLU A 179 0.33 20.73 -2.05
C GLU A 179 0.46 19.64 -3.10
N ALA A 180 0.32 20.01 -4.37
CA ALA A 180 0.52 19.09 -5.47
C ALA A 180 1.91 18.47 -5.44
N ASP A 181 1.95 17.18 -5.74
CA ASP A 181 3.17 16.37 -5.76
C ASP A 181 3.58 16.31 -7.23
N ASP A 182 4.36 17.28 -7.62
CA ASP A 182 4.81 17.44 -8.98
C ASP A 182 6.08 16.61 -9.15
N TRP A 183 5.90 15.30 -9.01
CA TRP A 183 7.01 14.34 -8.94
C TRP A 183 7.81 14.23 -10.24
N LEU A 184 7.24 14.63 -11.37
CA LEU A 184 7.93 14.54 -12.67
C LEU A 184 8.67 15.80 -13.11
N ARG A 185 8.71 16.81 -12.24
CA ARG A 185 9.25 18.15 -12.56
C ARG A 185 10.66 18.08 -13.11
N TYR A 186 11.52 17.33 -12.43
CA TYR A 186 12.94 17.19 -12.84
C TYR A 186 13.20 16.03 -13.80
N GLY A 187 12.16 15.30 -14.21
CA GLY A 187 12.31 14.10 -15.05
C GLY A 187 12.34 12.84 -14.19
N ASN A 188 12.07 11.71 -14.83
CA ASN A 188 12.07 10.40 -14.20
C ASN A 188 12.99 9.53 -15.07
N PRO A 189 14.20 9.23 -14.57
CA PRO A 189 15.15 8.50 -15.40
C PRO A 189 14.87 7.00 -15.50
N TRP A 190 13.94 6.50 -14.69
CA TRP A 190 13.64 5.09 -14.62
C TRP A 190 12.67 4.65 -15.70
N GLU A 191 11.78 5.55 -16.15
CA GLU A 191 10.78 5.19 -17.15
C GLU A 191 11.30 5.30 -18.58
N LYS A 192 10.67 4.55 -19.47
CA LYS A 192 10.88 4.68 -20.92
C LYS A 192 9.52 4.84 -21.56
N ALA A 193 9.28 6.01 -22.15
CA ALA A 193 8.08 6.26 -22.96
C ALA A 193 8.09 5.34 -24.14
N ARG A 194 6.92 4.78 -24.48
CA ARG A 194 6.81 3.93 -25.64
C ARG A 194 5.68 4.42 -26.53
N PRO A 195 5.81 5.65 -27.10
CA PRO A 195 4.72 6.26 -27.88
C PRO A 195 4.31 5.43 -29.08
N GLU A 196 5.19 4.53 -29.52
CA GLU A 196 4.91 3.58 -30.59
C GLU A 196 3.85 2.51 -30.28
N PHE A 197 3.58 2.23 -29.00
CA PHE A 197 2.54 1.25 -28.61
C PHE A 197 1.27 1.94 -28.07
N THR A 198 1.07 3.17 -28.48
CA THR A 198 -0.13 3.94 -28.15
C THR A 198 -1.39 3.28 -28.70
N LEU A 199 -2.45 3.26 -27.89
CA LEU A 199 -3.68 2.57 -28.21
C LEU A 199 -4.90 3.47 -27.93
N PRO A 200 -5.98 3.31 -28.71
CA PRO A 200 -7.20 4.08 -28.49
C PRO A 200 -8.12 3.48 -27.43
N VAL A 201 -8.74 4.36 -26.65
CA VAL A 201 -9.74 4.03 -25.64
C VAL A 201 -10.98 4.86 -25.97
N HIS A 202 -12.13 4.19 -25.95
CA HIS A 202 -13.42 4.79 -26.32
C HIS A 202 -14.28 5.14 -25.13
N PHE A 203 -15.03 6.24 -25.27
CA PHE A 203 -15.98 6.68 -24.24
C PHE A 203 -17.25 7.24 -24.89
N TYR A 204 -18.32 7.24 -24.11
CA TYR A 204 -19.65 7.74 -24.51
C TYR A 204 -20.20 6.91 -25.67
N GLY A 205 -20.74 7.56 -26.70
CA GLY A 205 -21.30 6.88 -27.84
C GLY A 205 -22.64 6.23 -27.55
N ARG A 206 -23.02 5.29 -28.39
CA ARG A 206 -24.28 4.57 -28.24
C ARG A 206 -24.14 3.20 -28.87
N VAL A 207 -25.10 2.31 -28.58
CA VAL A 207 -25.06 0.95 -29.12
C VAL A 207 -26.07 0.82 -30.24
N GLU A 208 -25.65 0.31 -31.39
CA GLU A 208 -26.61 -0.07 -32.41
C GLU A 208 -26.52 -1.58 -32.66
N HIS A 209 -27.69 -2.20 -32.87
CA HIS A 209 -27.82 -3.64 -33.05
C HIS A 209 -28.04 -3.92 -34.52
N THR A 210 -27.03 -4.52 -35.14
CA THR A 210 -27.14 -5.00 -36.50
C THR A 210 -27.59 -6.46 -36.45
N SER A 211 -27.80 -7.03 -37.63
CA SER A 211 -27.96 -8.47 -37.77
C SER A 211 -26.67 -9.23 -37.41
N GLN A 212 -25.52 -8.56 -37.56
CA GLN A 212 -24.20 -9.07 -37.14
C GLN A 212 -23.79 -8.59 -35.73
N GLY A 213 -24.69 -8.70 -34.75
CA GLY A 213 -24.41 -8.33 -33.35
C GLY A 213 -24.43 -6.84 -33.02
N ALA A 214 -23.95 -6.51 -31.83
CA ALA A 214 -23.94 -5.13 -31.32
C ALA A 214 -22.69 -4.38 -31.78
N LYS A 215 -22.83 -3.08 -32.01
CA LYS A 215 -21.70 -2.22 -32.39
C LYS A 215 -21.76 -0.96 -31.54
N TRP A 216 -20.62 -0.58 -30.98
CA TRP A 216 -20.51 0.59 -30.10
C TRP A 216 -19.97 1.68 -31.00
N VAL A 217 -20.78 2.71 -31.27
CA VAL A 217 -20.47 3.71 -32.30
C VAL A 217 -20.55 5.11 -31.70
N ASP A 218 -20.07 6.10 -32.49
CA ASP A 218 -20.13 7.55 -32.18
C ASP A 218 -19.41 7.88 -30.89
N THR A 219 -18.31 7.19 -30.64
CA THR A 219 -17.56 7.33 -29.39
C THR A 219 -16.55 8.48 -29.48
N GLN A 220 -16.16 8.99 -28.32
CA GLN A 220 -15.01 9.89 -28.20
C GLN A 220 -13.80 9.03 -27.92
N VAL A 221 -12.67 9.37 -28.54
CA VAL A 221 -11.46 8.59 -28.44
C VAL A 221 -10.42 9.36 -27.62
N VAL A 222 -9.79 8.68 -26.67
CA VAL A 222 -8.62 9.18 -25.96
C VAL A 222 -7.51 8.15 -26.20
N LEU A 223 -6.30 8.62 -26.44
CA LEU A 223 -5.18 7.72 -26.63
C LEU A 223 -4.52 7.38 -25.30
N ALA A 224 -4.08 6.14 -25.17
CA ALA A 224 -3.33 5.64 -24.02
C ALA A 224 -1.89 5.39 -24.50
N MET A 225 -0.97 6.19 -24.00
CA MET A 225 0.44 6.07 -24.27
C MET A 225 1.16 5.39 -23.10
N PRO A 226 1.86 4.27 -23.37
CA PRO A 226 2.52 3.56 -22.28
C PRO A 226 3.90 4.06 -21.94
N TYR A 227 4.21 4.05 -20.65
CA TYR A 227 5.56 4.30 -20.12
C TYR A 227 5.97 3.05 -19.36
N ASP A 228 7.14 2.51 -19.68
CA ASP A 228 7.59 1.27 -19.05
C ASP A 228 8.67 1.53 -18.00
N THR A 229 8.54 0.90 -16.85
CA THR A 229 9.54 1.01 -15.77
C THR A 229 10.05 -0.38 -15.45
N PRO A 230 11.38 -0.55 -15.34
CA PRO A 230 11.93 -1.86 -15.00
C PRO A 230 11.73 -2.25 -13.54
N VAL A 231 11.49 -3.55 -13.30
CA VAL A 231 11.30 -4.09 -11.98
C VAL A 231 12.30 -5.23 -11.77
N PRO A 232 13.44 -4.94 -11.15
CA PRO A 232 14.49 -5.96 -11.00
C PRO A 232 14.20 -6.96 -9.89
N GLY A 233 14.43 -8.24 -10.16
CA GLY A 233 14.35 -9.25 -9.12
C GLY A 233 15.63 -9.24 -8.29
N TYR A 234 15.62 -9.93 -7.15
CA TYR A 234 16.79 -9.97 -6.25
C TYR A 234 17.88 -10.91 -6.74
N ARG A 235 18.90 -10.34 -7.36
CA ARG A 235 20.10 -11.04 -7.75
C ARG A 235 19.88 -12.28 -8.64
N ASN A 236 18.86 -12.25 -9.48
CA ASN A 236 18.57 -13.35 -10.37
C ASN A 236 18.59 -12.95 -11.85
N ASN A 237 18.98 -11.70 -12.13
CA ASN A 237 19.01 -11.12 -13.46
C ASN A 237 17.68 -11.07 -14.20
N VAL A 238 16.57 -11.16 -13.47
CA VAL A 238 15.25 -11.03 -14.04
C VAL A 238 14.87 -9.54 -13.91
N VAL A 239 14.39 -8.95 -15.00
CA VAL A 239 13.85 -7.58 -14.94
C VAL A 239 12.49 -7.59 -15.65
N ASN A 240 11.44 -7.45 -14.84
CA ASN A 240 10.08 -7.41 -15.35
C ASN A 240 9.68 -5.95 -15.60
N THR A 241 8.47 -5.76 -16.10
CA THR A 241 7.97 -4.44 -16.54
C THR A 241 6.74 -4.01 -15.76
N MET A 242 6.72 -2.73 -15.39
CA MET A 242 5.53 -2.06 -14.90
C MET A 242 5.16 -1.09 -16.03
N ARG A 243 3.99 -1.29 -16.62
CA ARG A 243 3.54 -0.46 -17.75
C ARG A 243 2.43 0.49 -17.27
N LEU A 244 2.69 1.79 -17.31
CA LEU A 244 1.74 2.79 -16.84
C LEU A 244 1.26 3.65 -18.04
N TRP A 245 -0.05 3.87 -18.10
CA TRP A 245 -0.67 4.51 -19.25
C TRP A 245 -0.88 5.99 -18.92
N SER A 246 -0.60 6.83 -19.92
CA SER A 246 -0.83 8.28 -19.85
C SER A 246 -1.81 8.67 -20.92
N ALA A 247 -2.70 9.62 -20.63
CA ALA A 247 -3.78 9.99 -21.56
C ALA A 247 -3.33 11.08 -22.52
N LYS A 248 -3.61 10.89 -23.81
CA LYS A 248 -3.27 11.86 -24.84
C LYS A 248 -4.47 12.09 -25.75
N ALA A 249 -4.71 13.33 -26.15
CA ALA A 249 -5.81 13.63 -27.07
C ALA A 249 -5.37 13.25 -28.49
N PRO A 250 -6.26 12.69 -29.32
CA PRO A 250 -5.86 12.59 -30.75
C PRO A 250 -5.67 13.95 -31.43
N ASN A 251 -4.91 14.02 -32.53
CA ASN A 251 -4.56 15.34 -33.15
C ASN A 251 -5.67 16.08 -33.90
N ASP A 252 -6.72 15.35 -34.26
CA ASP A 252 -7.96 15.97 -34.80
C ASP A 252 -9.01 16.33 -33.71
N PHE A 253 -8.66 16.13 -32.43
CA PHE A 253 -9.56 16.39 -31.27
C PHE A 253 -10.08 17.83 -31.24
N ASN A 254 -11.42 17.94 -31.24
CA ASN A 254 -12.16 19.21 -31.37
C ASN A 254 -11.92 19.95 -32.71
N LEU A 255 -11.34 19.29 -33.72
CA LEU A 255 -10.84 19.98 -34.95
C LEU A 255 -11.38 19.41 -36.29
N GLY A 262 -13.07 28.71 -31.63
CA GLY A 262 -12.27 28.50 -32.85
C GLY A 262 -11.05 27.60 -32.65
N TYR A 263 -10.04 27.78 -33.52
CA TYR A 263 -8.84 26.94 -33.53
C TYR A 263 -8.10 26.95 -32.18
N ILE A 264 -7.83 28.14 -31.63
CA ILE A 264 -7.05 28.24 -30.36
C ILE A 264 -7.75 27.47 -29.24
N GLN A 265 -9.05 27.71 -29.09
CA GLN A 265 -9.84 27.02 -28.03
C GLN A 265 -9.85 25.50 -28.18
N ALA A 266 -9.92 25.01 -29.42
CA ALA A 266 -9.89 23.56 -29.69
C ALA A 266 -8.60 22.91 -29.24
N VAL A 267 -7.48 23.61 -29.43
CA VAL A 267 -6.22 23.13 -28.97
C VAL A 267 -6.16 23.13 -27.45
N LEU A 268 -6.61 24.22 -26.83
CA LEU A 268 -6.58 24.30 -25.35
C LEU A 268 -7.48 23.25 -24.71
N ASP A 269 -8.59 22.91 -25.37
CA ASP A 269 -9.52 21.91 -24.86
C ASP A 269 -9.03 20.47 -24.92
N ARG A 270 -7.86 20.23 -25.50
CA ARG A 270 -7.22 18.90 -25.38
C ARG A 270 -7.03 18.44 -23.92
N ASN A 271 -6.92 19.40 -23.00
CA ASN A 271 -6.83 19.15 -21.56
C ASN A 271 -7.97 18.34 -20.99
N LEU A 272 -9.15 18.50 -21.55
CA LEU A 272 -10.28 17.70 -21.12
C LEU A 272 -10.01 16.19 -21.25
N ALA A 273 -9.38 15.75 -22.35
CA ALA A 273 -9.05 14.33 -22.52
C ALA A 273 -7.88 13.91 -21.65
N GLU A 274 -6.91 14.81 -21.52
CA GLU A 274 -5.65 14.50 -20.85
C GLU A 274 -5.80 14.55 -19.34
N ASN A 275 -6.87 15.18 -18.84
CA ASN A 275 -7.15 15.12 -17.40
C ASN A 275 -7.33 13.74 -16.82
N ILE A 276 -7.64 12.73 -17.64
CA ILE A 276 -7.85 11.37 -17.12
C ILE A 276 -6.66 10.87 -16.30
N SER A 277 -5.44 11.10 -16.77
CA SER A 277 -4.26 10.66 -16.05
C SER A 277 -3.61 11.75 -15.19
N ARG A 278 -4.33 12.83 -14.84
CA ARG A 278 -3.67 13.96 -14.23
C ARG A 278 -3.35 13.74 -12.75
N VAL A 279 -4.29 13.14 -12.02
CA VAL A 279 -4.17 13.12 -10.58
C VAL A 279 -4.78 11.85 -9.92
N LEU A 280 -4.04 11.34 -8.94
CA LEU A 280 -4.49 10.24 -8.10
C LEU A 280 -5.59 10.71 -7.15
N TYR A 281 -6.71 10.01 -7.12
CA TYR A 281 -7.72 10.25 -6.07
C TYR A 281 -7.13 9.87 -4.70
N PRO A 282 -7.13 10.82 -3.75
CA PRO A 282 -6.36 10.67 -2.51
C PRO A 282 -7.15 10.07 -1.34
N ASN A 283 -8.10 9.18 -1.64
CA ASN A 283 -8.92 8.54 -0.62
C ASN A 283 -8.38 7.15 -0.30
N ASP A 284 -8.33 6.85 0.98
CA ASP A 284 -7.97 5.53 1.46
C ASP A 284 -9.20 4.95 2.13
N ASN A 285 -9.64 3.78 1.68
CA ASN A 285 -10.83 3.12 2.26
C ASN A 285 -12.06 4.00 2.23
N PHE A 286 -12.29 4.64 1.10
CA PHE A 286 -13.48 5.45 0.90
C PHE A 286 -13.77 5.53 -0.60
N PHE A 287 -15.02 5.34 -0.96
CA PHE A 287 -15.46 5.41 -2.35
C PHE A 287 -16.07 6.77 -2.63
N GLU A 288 -15.55 7.42 -3.67
CA GLU A 288 -16.10 8.70 -4.16
C GLU A 288 -16.51 8.42 -5.59
N GLY A 289 -17.81 8.45 -5.84
CA GLY A 289 -18.39 8.07 -7.12
C GLY A 289 -18.41 9.20 -8.14
N LYS A 290 -17.24 9.65 -8.56
CA LYS A 290 -17.12 10.75 -9.51
C LYS A 290 -16.82 10.22 -10.91
N GLU A 291 -17.35 10.91 -11.91
CA GLU A 291 -17.18 10.51 -13.29
C GLU A 291 -15.70 10.41 -13.68
N LEU A 292 -14.88 11.36 -13.26
CA LEU A 292 -13.45 11.28 -13.59
C LEU A 292 -12.77 9.96 -13.10
N ARG A 293 -13.13 9.52 -11.90
CA ARG A 293 -12.61 8.26 -11.37
C ARG A 293 -13.07 7.08 -12.20
N LEU A 294 -14.32 7.07 -12.65
CA LEU A 294 -14.80 6.02 -13.52
C LEU A 294 -14.04 6.00 -14.83
N LYS A 295 -13.78 7.18 -15.39
CA LYS A 295 -12.94 7.28 -16.60
C LYS A 295 -11.57 6.66 -16.40
N GLN A 296 -10.95 6.94 -15.26
CA GLN A 296 -9.65 6.38 -14.94
C GLN A 296 -9.67 4.85 -14.92
N GLU A 297 -10.69 4.30 -14.28
CA GLU A 297 -10.86 2.86 -14.17
C GLU A 297 -11.03 2.20 -15.53
N TYR A 298 -11.85 2.78 -16.40
CA TYR A 298 -12.03 2.19 -17.70
C TYR A 298 -10.78 2.37 -18.58
N PHE A 299 -10.16 3.54 -18.52
CA PHE A 299 -8.93 3.85 -19.26
C PHE A 299 -7.87 2.77 -19.05
N VAL A 300 -7.57 2.47 -17.79
CA VAL A 300 -6.55 1.48 -17.48
C VAL A 300 -6.90 0.08 -17.99
N VAL A 301 -8.17 -0.29 -17.81
CA VAL A 301 -8.68 -1.59 -18.24
C VAL A 301 -8.68 -1.79 -19.77
N ALA A 302 -9.19 -0.79 -20.49
CA ALA A 302 -9.32 -0.89 -21.93
C ALA A 302 -7.97 -0.94 -22.65
N ALA A 303 -7.03 -0.09 -22.22
CA ALA A 303 -5.68 -0.08 -22.80
C ALA A 303 -4.94 -1.40 -22.50
N THR A 304 -5.03 -1.82 -21.24
CA THR A 304 -4.36 -3.03 -20.76
C THR A 304 -4.86 -4.27 -21.50
N LEU A 305 -6.19 -4.40 -21.62
CA LEU A 305 -6.74 -5.59 -22.26
C LEU A 305 -6.35 -5.72 -23.74
N GLN A 306 -6.28 -4.60 -24.46
CA GLN A 306 -5.78 -4.61 -25.84
C GLN A 306 -4.34 -5.09 -25.92
N ASP A 307 -3.53 -4.66 -24.95
CA ASP A 307 -2.13 -5.06 -24.87
C ASP A 307 -1.99 -6.55 -24.60
N ILE A 308 -2.82 -7.06 -23.68
CA ILE A 308 -2.85 -8.48 -23.34
C ILE A 308 -3.22 -9.32 -24.55
N ILE A 309 -4.25 -8.91 -25.28
CA ILE A 309 -4.72 -9.68 -26.42
C ILE A 309 -3.69 -9.64 -27.55
N ARG A 310 -3.09 -8.48 -27.80
CA ARG A 310 -2.02 -8.37 -28.81
C ARG A 310 -0.90 -9.39 -28.54
N ARG A 311 -0.44 -9.44 -27.29
CA ARG A 311 0.64 -10.31 -26.86
C ARG A 311 0.24 -11.77 -26.99
N PHE A 312 -1.01 -12.10 -26.64
CA PHE A 312 -1.56 -13.45 -26.85
C PHE A 312 -1.61 -13.91 -28.32
N LYS A 313 -1.95 -13.00 -29.23
CA LYS A 313 -2.06 -13.35 -30.65
C LYS A 313 -0.70 -13.51 -31.32
N SER A 314 0.34 -12.86 -30.77
CA SER A 314 1.72 -12.97 -31.28
C SER A 314 2.48 -14.16 -30.67
N SER A 315 1.98 -15.38 -30.88
CA SER A 315 2.56 -16.60 -30.29
C SER A 315 2.66 -17.70 -31.34
N THR A 325 -7.14 -17.15 -33.43
CA THR A 325 -8.49 -17.69 -33.43
C THR A 325 -8.83 -18.35 -32.10
N ASN A 326 -7.95 -19.25 -31.65
CA ASN A 326 -8.30 -20.16 -30.55
C ASN A 326 -8.15 -19.52 -29.15
N PHE A 327 -9.24 -18.88 -28.72
CA PHE A 327 -9.33 -18.32 -27.37
C PHE A 327 -9.54 -19.37 -26.27
N ASP A 328 -9.72 -20.65 -26.62
CA ASP A 328 -9.77 -21.73 -25.62
C ASP A 328 -8.50 -21.82 -24.78
N ALA A 329 -7.36 -21.52 -25.38
CA ALA A 329 -6.08 -21.51 -24.69
C ALA A 329 -5.78 -20.18 -23.93
N PHE A 330 -6.68 -19.19 -24.00
CA PHE A 330 -6.43 -17.87 -23.41
C PHE A 330 -6.14 -17.98 -21.91
N PRO A 331 -7.00 -18.70 -21.15
CA PRO A 331 -6.72 -18.87 -19.72
C PRO A 331 -5.48 -19.71 -19.37
N ASP A 332 -4.99 -20.51 -20.29
CA ASP A 332 -3.70 -21.21 -20.13
C ASP A 332 -2.48 -20.30 -20.30
N LYS A 333 -2.65 -19.17 -20.97
CA LYS A 333 -1.56 -18.21 -21.25
C LYS A 333 -1.66 -16.89 -20.53
N VAL A 334 -2.80 -16.63 -19.88
CA VAL A 334 -3.09 -15.34 -19.30
C VAL A 334 -3.78 -15.53 -17.97
N ALA A 335 -3.25 -14.84 -16.93
CA ALA A 335 -3.97 -14.61 -15.67
C ALA A 335 -4.12 -13.10 -15.43
N ILE A 336 -5.33 -12.66 -15.05
CA ILE A 336 -5.56 -11.27 -14.71
C ILE A 336 -5.98 -11.20 -13.25
N GLN A 337 -5.19 -10.52 -12.43
CA GLN A 337 -5.48 -10.32 -11.04
C GLN A 337 -5.99 -8.91 -10.82
N LEU A 338 -7.20 -8.80 -10.28
CA LEU A 338 -7.85 -7.52 -10.04
C LEU A 338 -7.55 -7.08 -8.61
N ASN A 339 -6.84 -5.95 -8.48
CA ASN A 339 -6.49 -5.40 -7.17
C ASN A 339 -7.67 -4.57 -6.65
N ASP A 340 -8.54 -5.27 -5.90
CA ASP A 340 -9.86 -4.78 -5.49
C ASP A 340 -10.76 -4.61 -6.72
N THR A 341 -11.87 -3.87 -6.58
CA THR A 341 -12.83 -3.74 -7.66
C THR A 341 -12.46 -2.59 -8.60
N HIS A 342 -11.40 -1.88 -8.30
CA HIS A 342 -11.08 -0.65 -9.07
C HIS A 342 -10.91 -0.95 -10.59
N PRO A 343 -10.32 -2.10 -10.95
CA PRO A 343 -10.28 -2.50 -12.36
C PRO A 343 -11.31 -3.55 -12.76
N SER A 344 -12.45 -3.59 -12.05
CA SER A 344 -13.48 -4.60 -12.27
C SER A 344 -14.11 -4.54 -13.66
N LEU A 345 -14.06 -3.38 -14.33
CA LEU A 345 -14.57 -3.29 -15.70
C LEU A 345 -13.82 -4.22 -16.66
N ALA A 346 -12.65 -4.75 -16.27
CA ALA A 346 -11.97 -5.82 -17.04
C ALA A 346 -12.90 -6.98 -17.42
N ILE A 347 -13.81 -7.33 -16.51
CA ILE A 347 -14.73 -8.45 -16.74
C ILE A 347 -15.66 -8.16 -17.93
N PRO A 348 -16.48 -7.07 -17.87
CA PRO A 348 -17.30 -6.81 -19.03
C PRO A 348 -16.53 -6.38 -20.28
N GLU A 349 -15.35 -5.77 -20.13
CA GLU A 349 -14.53 -5.39 -21.28
C GLU A 349 -14.04 -6.61 -22.00
N LEU A 350 -13.56 -7.61 -21.24
CA LEU A 350 -13.14 -8.86 -21.85
C LEU A 350 -14.32 -9.52 -22.60
N MET A 351 -15.49 -9.52 -21.99
CA MET A 351 -16.67 -10.05 -22.68
C MET A 351 -16.99 -9.26 -23.95
N ARG A 352 -16.91 -7.93 -23.86
CA ARG A 352 -17.18 -7.07 -25.01
C ARG A 352 -16.25 -7.43 -26.18
N VAL A 353 -14.95 -7.57 -25.90
CA VAL A 353 -14.00 -7.85 -26.94
C VAL A 353 -14.26 -9.24 -27.54
N LEU A 354 -14.43 -10.23 -26.67
CA LEU A 354 -14.65 -11.60 -27.14
C LEU A 354 -15.95 -11.77 -27.93
N VAL A 355 -17.04 -11.14 -27.48
CA VAL A 355 -18.35 -11.29 -28.11
C VAL A 355 -18.53 -10.33 -29.31
N ASP A 356 -18.29 -9.03 -29.09
CA ASP A 356 -18.55 -8.03 -30.16
C ASP A 356 -17.49 -7.99 -31.24
N LEU A 357 -16.22 -8.19 -30.89
CA LEU A 357 -15.13 -8.05 -31.84
C LEU A 357 -14.63 -9.38 -32.37
N GLU A 358 -14.44 -10.36 -31.50
CA GLU A 358 -13.95 -11.69 -31.93
C GLU A 358 -15.05 -12.67 -32.28
N ARG A 359 -16.29 -12.33 -31.96
CA ARG A 359 -17.48 -13.08 -32.41
C ARG A 359 -17.61 -14.46 -31.76
N LEU A 360 -17.11 -14.60 -30.54
CA LEU A 360 -17.33 -15.82 -29.75
C LEU A 360 -18.77 -15.81 -29.28
N ASP A 361 -19.33 -17.01 -29.11
CA ASP A 361 -20.66 -17.12 -28.48
C ASP A 361 -20.51 -16.75 -27.00
N TRP A 362 -21.60 -16.28 -26.42
CA TRP A 362 -21.61 -15.75 -25.07
C TRP A 362 -21.01 -16.74 -24.06
N ASP A 363 -21.49 -17.97 -24.09
CA ASP A 363 -21.10 -19.01 -23.10
C ASP A 363 -19.60 -19.35 -23.13
N LYS A 364 -19.03 -19.46 -24.33
CA LYS A 364 -17.60 -19.67 -24.49
C LYS A 364 -16.81 -18.47 -23.96
N ALA A 365 -17.21 -17.27 -24.36
CA ALA A 365 -16.57 -16.05 -23.84
C ALA A 365 -16.59 -15.96 -22.31
N TRP A 366 -17.73 -16.29 -21.71
CA TRP A 366 -17.87 -16.26 -20.25
C TRP A 366 -16.96 -17.28 -19.55
N GLU A 367 -16.90 -18.48 -20.10
CA GLU A 367 -15.97 -19.51 -19.63
C GLU A 367 -14.51 -19.02 -19.62
N VAL A 368 -14.09 -18.41 -20.73
CA VAL A 368 -12.75 -17.85 -20.85
C VAL A 368 -12.51 -16.74 -19.81
N THR A 369 -13.47 -15.83 -19.70
CA THR A 369 -13.38 -14.73 -18.77
C THR A 369 -13.21 -15.17 -17.32
N VAL A 370 -14.09 -16.06 -16.88
CA VAL A 370 -14.06 -16.55 -15.51
C VAL A 370 -12.75 -17.26 -15.19
N LYS A 371 -12.27 -18.11 -16.09
CA LYS A 371 -11.00 -18.81 -15.91
C LYS A 371 -9.77 -17.89 -15.94
N THR A 372 -9.91 -16.75 -16.57
CA THR A 372 -8.83 -15.77 -16.65
C THR A 372 -8.74 -14.84 -15.45
N CYS A 373 -9.89 -14.40 -14.92
CA CYS A 373 -9.91 -13.37 -13.89
C CYS A 373 -9.96 -13.92 -12.47
N ALA A 374 -9.27 -13.22 -11.56
CA ALA A 374 -9.36 -13.47 -10.12
C ALA A 374 -9.39 -12.11 -9.39
N TYR A 375 -10.08 -12.09 -8.25
CA TYR A 375 -10.40 -10.86 -7.54
C TYR A 375 -9.91 -10.94 -6.09
N THR A 376 -9.19 -9.90 -5.68
CA THR A 376 -8.76 -9.74 -4.31
C THR A 376 -9.55 -8.59 -3.68
N ASN A 377 -10.22 -8.89 -2.57
CA ASN A 377 -10.92 -7.92 -1.75
C ASN A 377 -10.00 -7.42 -0.64
N HIS A 378 -10.03 -6.12 -0.38
CA HIS A 378 -9.17 -5.50 0.62
C HIS A 378 -9.90 -4.73 1.72
N THR A 379 -11.23 -4.82 1.80
CA THR A 379 -11.94 -4.07 2.81
C THR A 379 -13.35 -4.59 2.95
N VAL A 380 -13.88 -4.51 4.16
CA VAL A 380 -15.29 -4.71 4.41
C VAL A 380 -16.01 -3.43 4.84
N LEU A 381 -15.33 -2.30 4.93
CA LEU A 381 -16.03 -1.09 5.32
C LEU A 381 -17.03 -0.67 4.22
N PRO A 382 -18.32 -0.49 4.57
CA PRO A 382 -19.35 -0.25 3.54
C PRO A 382 -19.14 0.99 2.70
N GLU A 383 -18.62 2.04 3.31
CA GLU A 383 -18.34 3.29 2.58
C GLU A 383 -17.14 3.20 1.60
N ALA A 384 -16.40 2.09 1.63
CA ALA A 384 -15.28 1.85 0.74
C ALA A 384 -15.65 1.04 -0.51
N LEU A 385 -16.80 0.37 -0.50
CA LEU A 385 -17.21 -0.51 -1.60
C LEU A 385 -17.72 0.29 -2.78
N GLU A 386 -17.28 -0.06 -3.98
CA GLU A 386 -17.68 0.67 -5.16
C GLU A 386 -19.05 0.25 -5.59
N ARG A 387 -19.94 1.23 -5.66
CA ARG A 387 -21.29 1.00 -6.13
C ARG A 387 -21.60 2.14 -7.10
N TRP A 388 -21.47 1.91 -8.40
CA TRP A 388 -21.58 2.96 -9.38
C TRP A 388 -23.03 3.20 -9.77
N PRO A 389 -23.49 4.47 -9.78
CA PRO A 389 -24.82 4.76 -10.32
C PRO A 389 -25.00 4.32 -11.76
N VAL A 390 -26.12 3.65 -12.03
CA VAL A 390 -26.43 3.17 -13.37
C VAL A 390 -26.40 4.32 -14.39
N HIS A 391 -26.91 5.50 -14.04
CA HIS A 391 -26.96 6.64 -14.97
C HIS A 391 -25.56 7.07 -15.48
N LEU A 392 -24.54 6.95 -14.62
CA LEU A 392 -23.15 7.21 -15.05
C LEU A 392 -22.65 6.21 -16.08
N LEU A 393 -22.87 4.93 -15.81
CA LEU A 393 -22.48 3.86 -16.76
C LEU A 393 -23.26 3.92 -18.04
N GLU A 394 -24.54 4.24 -17.95
CA GLU A 394 -25.41 4.36 -19.12
C GLU A 394 -24.87 5.40 -20.12
N THR A 395 -24.40 6.53 -19.60
CA THR A 395 -23.88 7.62 -20.44
C THR A 395 -22.46 7.33 -20.90
N LEU A 396 -21.60 6.88 -19.99
CA LEU A 396 -20.17 6.76 -20.29
C LEU A 396 -19.84 5.49 -21.04
N LEU A 397 -20.50 4.38 -20.68
CA LEU A 397 -20.12 3.04 -21.14
C LEU A 397 -21.37 2.23 -21.43
N PRO A 398 -22.17 2.68 -22.40
CA PRO A 398 -23.47 2.05 -22.63
C PRO A 398 -23.42 0.56 -22.97
N ARG A 399 -22.40 0.12 -23.73
CA ARG A 399 -22.29 -1.31 -24.08
C ARG A 399 -21.94 -2.17 -22.83
N HIS A 400 -21.05 -1.67 -22.00
CA HIS A 400 -20.70 -2.34 -20.74
C HIS A 400 -21.90 -2.51 -19.84
N LEU A 401 -22.77 -1.50 -19.78
CA LEU A 401 -23.98 -1.64 -18.95
C LEU A 401 -24.89 -2.76 -19.46
N GLN A 402 -25.06 -2.88 -20.78
CA GLN A 402 -25.83 -3.98 -21.36
C GLN A 402 -25.24 -5.33 -21.00
N ILE A 403 -23.93 -5.42 -21.08
CA ILE A 403 -23.22 -6.66 -20.76
C ILE A 403 -23.36 -6.98 -19.27
N ILE A 404 -23.28 -5.98 -18.40
CA ILE A 404 -23.48 -6.17 -16.96
C ILE A 404 -24.89 -6.71 -16.66
N TYR A 405 -25.90 -6.16 -17.33
CA TYR A 405 -27.27 -6.63 -17.15
C TYR A 405 -27.45 -8.09 -17.55
N GLU A 406 -26.83 -8.48 -18.68
CA GLU A 406 -26.87 -9.85 -19.17
C GLU A 406 -26.15 -10.81 -18.23
N ILE A 407 -24.99 -10.39 -17.72
CA ILE A 407 -24.28 -11.16 -16.70
C ILE A 407 -25.20 -11.40 -15.49
N ASN A 408 -25.87 -10.34 -15.05
CA ASN A 408 -26.70 -10.38 -13.87
C ASN A 408 -27.86 -11.36 -14.06
N GLN A 409 -28.54 -11.28 -15.20
CA GLN A 409 -29.69 -12.13 -15.47
C GLN A 409 -29.28 -13.61 -15.50
N ARG A 410 -28.16 -13.91 -16.16
CA ARG A 410 -27.67 -15.28 -16.20
C ARG A 410 -27.19 -15.77 -14.85
N PHE A 411 -26.54 -14.91 -14.09
CA PHE A 411 -26.10 -15.25 -12.73
C PHE A 411 -27.28 -15.54 -11.78
N LEU A 412 -28.26 -14.64 -11.79
CA LEU A 412 -29.47 -14.83 -10.97
C LEU A 412 -30.29 -16.05 -11.38
N ASN A 413 -30.27 -16.43 -12.66
CA ASN A 413 -30.89 -17.70 -13.07
C ASN A 413 -30.24 -18.92 -12.41
N ARG A 414 -28.92 -18.89 -12.24
CA ARG A 414 -28.21 -19.94 -11.49
C ARG A 414 -28.58 -19.95 -10.02
N VAL A 415 -28.69 -18.76 -9.42
CA VAL A 415 -29.04 -18.65 -7.99
C VAL A 415 -30.45 -19.24 -7.77
N ALA A 416 -31.40 -18.86 -8.63
CA ALA A 416 -32.78 -19.34 -8.53
C ALA A 416 -32.89 -20.85 -8.67
N ALA A 417 -32.03 -21.44 -9.50
CA ALA A 417 -32.03 -22.89 -9.69
C ALA A 417 -31.43 -23.62 -8.49
N ALA A 418 -30.45 -23.00 -7.83
CA ALA A 418 -29.82 -23.62 -6.67
C ALA A 418 -30.65 -23.45 -5.39
N PHE A 419 -31.35 -22.32 -5.26
CA PHE A 419 -32.08 -21.97 -4.05
C PHE A 419 -33.50 -21.57 -4.45
N PRO A 420 -34.29 -22.53 -4.93
CA PRO A 420 -35.60 -22.14 -5.49
C PRO A 420 -36.54 -21.54 -4.45
N GLY A 421 -37.20 -20.46 -4.83
CA GLY A 421 -38.14 -19.75 -3.99
C GLY A 421 -37.52 -18.75 -3.05
N ASP A 422 -36.19 -18.69 -2.98
CA ASP A 422 -35.52 -17.80 -2.05
C ASP A 422 -35.39 -16.44 -2.71
N VAL A 423 -36.51 -15.72 -2.73
CA VAL A 423 -36.59 -14.42 -3.41
C VAL A 423 -35.74 -13.37 -2.75
N ASP A 424 -35.62 -13.39 -1.42
CA ASP A 424 -34.77 -12.42 -0.78
C ASP A 424 -33.30 -12.61 -1.17
N ARG A 425 -32.86 -13.86 -1.33
CA ARG A 425 -31.48 -14.11 -1.78
C ARG A 425 -31.20 -13.50 -3.17
N LEU A 426 -32.16 -13.62 -4.09
CA LEU A 426 -32.03 -12.98 -5.42
C LEU A 426 -31.79 -11.47 -5.31
N ARG A 427 -32.56 -10.81 -4.46
CA ARG A 427 -32.37 -9.38 -4.21
C ARG A 427 -30.98 -9.09 -3.60
N ARG A 428 -30.55 -9.85 -2.61
CA ARG A 428 -29.24 -9.61 -1.97
C ARG A 428 -28.06 -9.86 -2.90
N MET A 429 -28.19 -10.82 -3.80
CA MET A 429 -27.04 -11.24 -4.61
C MET A 429 -26.96 -10.49 -5.92
N SER A 430 -28.02 -9.77 -6.30
CA SER A 430 -28.06 -9.07 -7.59
C SER A 430 -26.86 -8.15 -7.75
N LEU A 431 -26.36 -8.07 -8.97
CA LEU A 431 -25.35 -7.06 -9.29
C LEU A 431 -25.96 -5.66 -9.29
N VAL A 432 -27.28 -5.58 -9.52
CA VAL A 432 -28.00 -4.31 -9.62
C VAL A 432 -28.70 -4.05 -8.29
N GLU A 433 -28.29 -3.00 -7.59
CA GLU A 433 -28.99 -2.56 -6.37
C GLU A 433 -30.13 -1.59 -6.65
N GLU A 434 -31.32 -1.93 -6.16
CA GLU A 434 -32.49 -1.04 -6.24
C GLU A 434 -32.44 0.07 -5.17
N GLY A 435 -33.22 1.12 -5.40
CA GLY A 435 -33.22 2.29 -4.51
C GLY A 435 -33.63 3.54 -5.24
N ALA A 436 -33.47 4.68 -4.56
CA ALA A 436 -33.68 6.00 -5.15
C ALA A 436 -32.83 6.14 -6.42
N VAL A 437 -31.54 5.80 -6.29
CA VAL A 437 -30.63 5.67 -7.43
C VAL A 437 -30.23 4.19 -7.58
N LYS A 438 -30.45 3.66 -8.78
CA LYS A 438 -30.04 2.31 -9.11
C LYS A 438 -28.49 2.33 -9.20
N ARG A 439 -27.81 1.34 -8.60
CA ARG A 439 -26.34 1.24 -8.61
C ARG A 439 -25.91 -0.18 -9.00
N ILE A 440 -24.70 -0.31 -9.55
CA ILE A 440 -24.09 -1.61 -9.80
C ILE A 440 -23.11 -1.91 -8.69
N ASN A 441 -23.23 -3.06 -8.05
CA ASN A 441 -22.31 -3.46 -7.00
C ASN A 441 -21.12 -4.17 -7.66
N MET A 442 -19.96 -3.51 -7.67
CA MET A 442 -18.82 -4.01 -8.44
C MET A 442 -18.19 -5.26 -7.80
N ALA A 443 -18.29 -5.38 -6.48
CA ALA A 443 -17.80 -6.57 -5.79
C ALA A 443 -18.60 -7.81 -6.22
N HIS A 444 -19.92 -7.68 -6.34
CA HIS A 444 -20.75 -8.78 -6.85
C HIS A 444 -20.39 -9.13 -8.29
N LEU A 445 -20.15 -8.14 -9.13
CA LEU A 445 -19.66 -8.40 -10.50
C LEU A 445 -18.34 -9.19 -10.48
N CYS A 446 -17.40 -8.78 -9.62
CA CYS A 446 -16.10 -9.46 -9.53
C CYS A 446 -16.21 -10.91 -9.09
N ILE A 447 -17.10 -11.18 -8.14
CA ILE A 447 -17.28 -12.57 -7.66
C ILE A 447 -17.87 -13.44 -8.76
N ALA A 448 -18.89 -12.91 -9.45
CA ALA A 448 -19.56 -13.64 -10.51
C ALA A 448 -18.59 -13.99 -11.63
N GLY A 449 -17.71 -13.07 -11.96
CA GLY A 449 -16.83 -13.22 -13.11
C GLY A 449 -15.41 -13.68 -12.87
N SER A 450 -15.10 -14.15 -11.65
CA SER A 450 -13.77 -14.60 -11.27
C SER A 450 -13.81 -16.06 -10.83
N HIS A 451 -12.77 -16.83 -11.13
CA HIS A 451 -12.64 -18.21 -10.64
C HIS A 451 -12.09 -18.31 -9.21
N ALA A 452 -11.54 -17.20 -8.70
CA ALA A 452 -10.98 -17.16 -7.33
C ALA A 452 -11.25 -15.79 -6.74
N VAL A 453 -11.64 -15.77 -5.48
CA VAL A 453 -11.89 -14.57 -4.70
C VAL A 453 -11.10 -14.76 -3.40
N ASN A 454 -10.22 -13.83 -3.07
CA ASN A 454 -9.48 -13.92 -1.82
C ASN A 454 -9.52 -12.67 -0.94
N GLY A 455 -9.46 -12.91 0.36
CA GLY A 455 -9.14 -11.87 1.33
C GLY A 455 -7.65 -11.89 1.63
N VAL A 456 -7.22 -10.99 2.51
CA VAL A 456 -5.81 -10.60 2.61
C VAL A 456 -5.21 -10.92 3.97
N ALA A 457 -6.00 -11.60 4.81
CA ALA A 457 -5.53 -12.18 6.08
C ALA A 457 -6.58 -13.17 6.52
N ARG A 458 -6.20 -14.15 7.34
CA ARG A 458 -7.12 -15.24 7.69
C ARG A 458 -8.44 -14.75 8.28
N ILE A 459 -8.38 -13.83 9.25
CA ILE A 459 -9.61 -13.35 9.89
C ILE A 459 -10.52 -12.60 8.87
N HIS A 460 -9.91 -11.82 7.97
CA HIS A 460 -10.63 -11.08 6.94
C HIS A 460 -11.31 -12.04 5.94
N SER A 461 -10.58 -13.05 5.48
CA SER A 461 -11.16 -14.04 4.57
C SER A 461 -12.34 -14.81 5.22
N GLU A 462 -12.24 -15.10 6.51
CA GLU A 462 -13.36 -15.70 7.27
C GLU A 462 -14.53 -14.74 7.38
N ILE A 463 -14.27 -13.47 7.69
CA ILE A 463 -15.32 -12.46 7.73
C ILE A 463 -16.06 -12.35 6.38
N LEU A 464 -15.33 -12.41 5.26
CA LEU A 464 -15.95 -12.39 3.95
C LEU A 464 -16.97 -13.52 3.78
N LYS A 465 -16.59 -14.73 4.19
CA LYS A 465 -17.46 -15.90 4.06
C LYS A 465 -18.65 -15.91 5.01
N LYS A 466 -18.52 -15.26 6.16
CA LYS A 466 -19.58 -15.24 7.19
C LYS A 466 -20.51 -14.07 7.09
N THR A 467 -20.07 -12.97 6.51
CA THR A 467 -20.88 -11.74 6.50
C THR A 467 -21.15 -11.29 5.08
N ILE A 468 -20.33 -10.40 4.52
CA ILE A 468 -20.78 -9.68 3.33
C ILE A 468 -20.89 -10.52 2.07
N PHE A 469 -20.10 -11.60 1.97
CA PHE A 469 -20.18 -12.50 0.81
C PHE A 469 -20.71 -13.89 1.15
N LYS A 470 -21.36 -14.02 2.30
CA LYS A 470 -21.95 -15.27 2.73
C LYS A 470 -22.80 -15.98 1.65
N ASP A 471 -23.67 -15.23 0.98
CA ASP A 471 -24.54 -15.82 -0.05
C ASP A 471 -23.74 -16.43 -1.22
N PHE A 472 -22.66 -15.75 -1.60
CA PHE A 472 -21.82 -16.15 -2.71
C PHE A 472 -21.02 -17.38 -2.33
N TYR A 473 -20.52 -17.37 -1.11
CA TYR A 473 -19.83 -18.54 -0.58
C TYR A 473 -20.72 -19.80 -0.56
N GLU A 474 -22.00 -19.64 -0.21
CA GLU A 474 -22.92 -20.79 -0.22
C GLU A 474 -23.16 -21.32 -1.61
N LEU A 475 -23.21 -20.41 -2.62
CA LEU A 475 -23.39 -20.83 -4.01
C LEU A 475 -22.14 -21.49 -4.58
N GLU A 476 -20.97 -20.92 -4.31
CA GLU A 476 -19.72 -21.36 -4.96
C GLU A 476 -18.57 -21.38 -3.95
N PRO A 477 -18.60 -22.32 -3.01
CA PRO A 477 -17.61 -22.30 -1.92
C PRO A 477 -16.16 -22.46 -2.39
N HIS A 478 -15.98 -23.22 -3.47
CA HIS A 478 -14.67 -23.42 -4.11
C HIS A 478 -13.94 -22.13 -4.55
N LYS A 479 -14.67 -21.04 -4.80
CA LYS A 479 -14.02 -19.80 -5.22
C LYS A 479 -13.21 -19.09 -4.13
N PHE A 480 -13.59 -19.29 -2.88
CA PHE A 480 -13.14 -18.44 -1.79
C PHE A 480 -11.85 -18.92 -1.17
N GLN A 481 -10.85 -18.03 -1.12
CA GLN A 481 -9.56 -18.38 -0.60
C GLN A 481 -9.06 -17.29 0.33
N ASN A 482 -7.97 -17.61 1.03
CA ASN A 482 -7.17 -16.64 1.77
C ASN A 482 -5.75 -16.56 1.17
N LYS A 483 -5.23 -15.34 1.13
CA LYS A 483 -3.82 -15.10 0.82
C LYS A 483 -3.36 -13.99 1.76
N THR A 484 -2.74 -14.38 2.87
CA THR A 484 -2.31 -13.39 3.83
C THR A 484 -1.23 -12.51 3.19
N ASN A 485 -1.36 -11.22 3.39
CA ASN A 485 -0.44 -10.23 2.87
C ASN A 485 1.00 -10.43 3.37
N GLY A 486 1.92 -9.78 2.67
CA GLY A 486 3.30 -9.72 3.09
C GLY A 486 3.98 -8.46 2.61
N ILE A 487 5.26 -8.35 2.94
CA ILE A 487 6.11 -7.20 2.56
C ILE A 487 7.41 -7.73 2.00
N THR A 488 8.05 -6.95 1.14
CA THR A 488 9.29 -7.43 0.59
C THR A 488 10.45 -7.17 1.56
N PRO A 489 11.21 -8.22 1.89
CA PRO A 489 12.36 -8.00 2.78
C PRO A 489 13.54 -7.29 2.14
N ARG A 490 13.53 -7.09 0.82
CA ARG A 490 14.56 -6.26 0.19
C ARG A 490 14.40 -4.81 0.66
N ARG A 491 13.31 -4.15 0.26
CA ARG A 491 13.08 -2.77 0.72
C ARG A 491 12.97 -2.66 2.27
N TRP A 492 12.26 -3.60 2.92
CA TRP A 492 11.86 -3.37 4.29
C TRP A 492 12.78 -3.99 5.32
N LEU A 493 13.91 -4.54 4.87
CA LEU A 493 14.98 -4.90 5.81
C LEU A 493 16.34 -4.48 5.28
N VAL A 494 16.73 -5.00 4.13
CA VAL A 494 18.09 -4.80 3.64
C VAL A 494 18.36 -3.34 3.29
N LEU A 495 17.40 -2.75 2.60
CA LEU A 495 17.52 -1.38 2.16
C LEU A 495 17.42 -0.39 3.34
N CYS A 496 16.37 -0.50 4.15
CA CYS A 496 16.15 0.48 5.20
C CYS A 496 16.92 0.24 6.51
N ASN A 497 17.41 -0.98 6.73
CA ASN A 497 18.05 -1.32 8.00
C ASN A 497 19.25 -2.23 7.76
N PRO A 498 20.29 -1.69 7.08
CA PRO A 498 21.46 -2.51 6.73
C PRO A 498 22.17 -3.06 7.95
N GLY A 499 22.21 -2.29 9.04
CA GLY A 499 22.83 -2.74 10.29
C GLY A 499 22.22 -4.01 10.85
N LEU A 500 20.89 -4.12 10.82
CA LEU A 500 20.22 -5.31 11.31
C LEU A 500 20.43 -6.46 10.34
N ALA A 501 20.32 -6.18 9.05
CA ALA A 501 20.57 -7.20 8.02
C ALA A 501 21.95 -7.83 8.18
N GLU A 502 22.95 -7.02 8.49
CA GLU A 502 24.33 -7.46 8.59
C GLU A 502 24.56 -8.35 9.79
N ILE A 503 24.09 -7.93 10.96
CA ILE A 503 24.29 -8.75 12.18
C ILE A 503 23.53 -10.09 12.07
N ILE A 504 22.40 -10.11 11.36
CA ILE A 504 21.73 -11.35 11.06
C ILE A 504 22.59 -12.21 10.13
N ALA A 505 23.07 -11.59 9.04
CA ALA A 505 23.90 -12.29 8.05
C ALA A 505 25.18 -12.88 8.65
N GLU A 506 25.76 -12.21 9.65
CA GLU A 506 26.98 -12.73 10.30
C GLU A 506 26.76 -14.11 10.94
N ARG A 507 25.54 -14.37 11.42
CA ARG A 507 25.17 -15.62 12.07
C ARG A 507 24.66 -16.69 11.12
N ILE A 508 23.73 -16.33 10.23
CA ILE A 508 23.03 -17.34 9.42
C ILE A 508 23.23 -17.23 7.92
N GLY A 509 24.13 -16.35 7.48
CA GLY A 509 24.38 -16.17 6.06
C GLY A 509 23.39 -15.23 5.41
N GLU A 510 23.48 -15.14 4.09
CA GLU A 510 22.67 -14.23 3.27
C GLU A 510 21.41 -14.82 2.64
N GLU A 511 21.21 -16.13 2.76
CA GLU A 511 20.12 -16.80 2.02
C GLU A 511 18.75 -16.33 2.47
N TYR A 512 18.62 -15.84 3.72
CA TYR A 512 17.33 -15.40 4.25
C TYR A 512 16.68 -14.26 3.49
N ILE A 513 17.48 -13.47 2.76
CA ILE A 513 16.98 -12.30 2.03
C ILE A 513 15.97 -12.72 0.96
N SER A 514 16.12 -13.92 0.40
CA SER A 514 15.13 -14.45 -0.55
C SER A 514 14.44 -15.71 -0.02
N ASP A 515 14.60 -16.00 1.27
CA ASP A 515 13.94 -17.14 1.90
C ASP A 515 13.80 -16.79 3.38
N LEU A 516 12.84 -15.91 3.66
CA LEU A 516 12.75 -15.25 4.97
C LEU A 516 12.45 -16.19 6.13
N ASP A 517 11.93 -17.39 5.82
CA ASP A 517 11.70 -18.43 6.86
C ASP A 517 12.96 -18.84 7.58
N GLN A 518 14.10 -18.62 6.96
CA GLN A 518 15.39 -18.91 7.59
C GLN A 518 15.68 -18.05 8.83
N LEU A 519 14.97 -16.93 8.99
CA LEU A 519 15.05 -16.17 10.25
C LEU A 519 14.74 -17.00 11.50
N ARG A 520 13.96 -18.08 11.38
CA ARG A 520 13.73 -19.02 12.53
C ARG A 520 15.02 -19.50 13.19
N LYS A 521 16.08 -19.61 12.42
CA LYS A 521 17.40 -19.98 12.95
C LYS A 521 17.87 -19.03 14.05
N LEU A 522 17.38 -17.79 14.06
CA LEU A 522 17.75 -16.84 15.12
C LEU A 522 17.26 -17.19 16.51
N LEU A 523 16.25 -18.05 16.62
CA LEU A 523 15.79 -18.50 17.93
C LEU A 523 16.88 -19.21 18.72
N SER A 524 17.89 -19.76 18.05
CA SER A 524 18.99 -20.40 18.76
C SER A 524 20.01 -19.37 19.31
N TYR A 525 19.78 -18.08 19.08
CA TYR A 525 20.61 -16.98 19.59
C TYR A 525 19.91 -16.08 20.61
N VAL A 526 18.72 -16.49 21.05
CA VAL A 526 17.95 -15.74 22.03
C VAL A 526 18.63 -15.58 23.41
N ASP A 527 19.51 -16.52 23.77
CA ASP A 527 20.30 -16.40 25.00
C ASP A 527 21.76 -16.06 24.75
N ASP A 528 22.10 -15.65 23.54
CA ASP A 528 23.50 -15.37 23.19
C ASP A 528 23.73 -13.91 23.54
N GLU A 529 24.65 -13.68 24.48
CA GLU A 529 24.90 -12.33 25.01
C GLU A 529 25.37 -11.34 23.95
N ALA A 530 26.23 -11.81 23.03
CA ALA A 530 26.76 -10.95 21.97
C ALA A 530 25.65 -10.58 21.00
N PHE A 531 24.81 -11.53 20.61
CA PHE A 531 23.66 -11.22 19.72
C PHE A 531 22.66 -10.25 20.37
N ILE A 532 22.30 -10.49 21.63
CA ILE A 532 21.47 -9.54 22.41
C ILE A 532 22.06 -8.12 22.35
N ARG A 533 23.34 -7.99 22.65
CA ARG A 533 24.01 -6.70 22.60
C ARG A 533 23.96 -6.05 21.21
N ASP A 534 24.21 -6.82 20.16
CA ASP A 534 24.23 -6.29 18.78
C ASP A 534 22.86 -5.83 18.33
N VAL A 535 21.83 -6.62 18.62
CA VAL A 535 20.44 -6.23 18.28
C VAL A 535 20.07 -4.88 18.93
N ALA A 536 20.37 -4.75 20.24
CA ALA A 536 20.10 -3.49 20.96
C ALA A 536 20.95 -2.33 20.44
N LYS A 537 22.19 -2.62 20.04
CA LYS A 537 23.10 -1.60 19.48
C LYS A 537 22.59 -1.03 18.16
N VAL A 538 22.14 -1.90 17.28
CA VAL A 538 21.57 -1.48 15.98
C VAL A 538 20.33 -0.60 16.18
N LYS A 539 19.43 -0.99 17.09
CA LYS A 539 18.27 -0.16 17.42
C LYS A 539 18.68 1.22 17.91
N GLN A 540 19.63 1.24 18.82
CA GLN A 540 20.13 2.47 19.37
C GLN A 540 20.71 3.38 18.28
N GLU A 541 21.54 2.81 17.41
CA GLU A 541 22.06 3.56 16.25
C GLU A 541 20.95 4.14 15.36
N ASN A 542 19.93 3.32 15.08
CA ASN A 542 18.81 3.78 14.24
C ASN A 542 18.05 4.92 14.92
N LYS A 543 17.91 4.85 16.24
CA LYS A 543 17.23 5.90 16.99
C LYS A 543 18.02 7.21 16.95
N LEU A 544 19.33 7.15 17.17
CA LEU A 544 20.20 8.34 17.09
C LEU A 544 20.16 8.98 15.73
N LYS A 545 20.22 8.16 14.67
CA LYS A 545 20.16 8.64 13.31
C LYS A 545 18.81 9.31 13.02
N PHE A 546 17.71 8.73 13.49
CA PHE A 546 16.41 9.36 13.29
C PHE A 546 16.24 10.64 14.11
N ALA A 547 16.70 10.65 15.35
CA ALA A 547 16.67 11.85 16.20
C ALA A 547 17.44 13.03 15.59
N ALA A 548 18.53 12.73 14.88
CA ALA A 548 19.35 13.74 14.18
C ALA A 548 18.65 14.21 12.91
N TYR A 549 18.01 13.28 12.19
CA TYR A 549 17.21 13.63 11.01
C TYR A 549 16.12 14.63 11.39
N LEU A 550 15.44 14.37 12.50
CA LEU A 550 14.37 15.24 12.97
C LEU A 550 14.89 16.65 13.24
N GLU A 551 15.99 16.75 14.00
CA GLU A 551 16.61 18.05 14.30
C GLU A 551 16.98 18.85 13.03
N ARG A 552 17.69 18.23 12.10
CA ARG A 552 18.13 18.88 10.85
C ARG A 552 16.97 19.42 10.00
N GLU A 553 16.02 18.54 9.66
CA GLU A 553 14.93 18.87 8.73
C GLU A 553 13.72 19.54 9.37
N TYR A 554 13.53 19.40 10.70
CA TYR A 554 12.30 19.92 11.35
C TYR A 554 12.50 20.64 12.70
N LYS A 555 13.72 21.07 13.02
CA LYS A 555 14.01 21.95 14.17
C LYS A 555 13.45 21.47 15.54
N VAL A 556 13.42 20.15 15.74
CA VAL A 556 12.80 19.54 16.94
C VAL A 556 13.78 18.60 17.68
N HIS A 557 13.77 18.67 19.02
CA HIS A 557 14.75 17.97 19.89
C HIS A 557 14.12 16.84 20.73
N ILE A 558 14.47 15.59 20.43
CA ILE A 558 13.95 14.42 21.15
C ILE A 558 15.02 13.63 21.89
N ASN A 559 14.65 13.08 23.04
CA ASN A 559 15.50 12.23 23.84
C ASN A 559 15.63 10.82 23.22
N PRO A 560 16.82 10.47 22.67
CA PRO A 560 16.94 9.16 22.03
C PRO A 560 17.03 7.96 23.01
N ASN A 561 17.09 8.20 24.33
CA ASN A 561 16.95 7.12 25.33
C ASN A 561 15.50 6.76 25.69
N SER A 562 14.55 7.55 25.21
CA SER A 562 13.13 7.29 25.47
C SER A 562 12.62 6.14 24.58
N LEU A 563 11.52 5.54 25.01
CA LEU A 563 10.84 4.53 24.23
C LEU A 563 10.18 5.25 23.03
N PHE A 564 10.51 4.82 21.82
CA PHE A 564 9.91 5.40 20.60
C PHE A 564 8.62 4.64 20.26
N ASP A 565 7.50 5.31 20.50
CA ASP A 565 6.14 4.76 20.42
C ASP A 565 5.55 5.36 19.15
N VAL A 566 5.31 4.53 18.14
CA VAL A 566 5.09 5.02 16.78
C VAL A 566 3.80 4.50 16.21
N GLN A 567 2.97 5.42 15.70
CA GLN A 567 1.76 5.06 14.95
C GLN A 567 1.79 5.85 13.63
N VAL A 568 2.18 5.16 12.56
CA VAL A 568 2.23 5.76 11.23
C VAL A 568 1.41 4.92 10.27
N LYS A 569 0.50 5.61 9.58
CA LYS A 569 -0.53 5.03 8.72
C LYS A 569 -1.47 6.19 8.36
N ARG A 570 -2.32 5.99 7.36
CA ARG A 570 -3.29 7.01 7.01
C ARG A 570 -4.22 7.33 8.20
N ILE A 571 -4.65 8.59 8.26
CA ILE A 571 -5.56 9.01 9.33
C ILE A 571 -6.98 8.54 8.98
N HIS A 572 -7.57 7.75 9.85
CA HIS A 572 -8.92 7.22 9.64
C HIS A 572 -9.54 6.93 11.00
N GLU A 573 -10.85 7.14 11.14
CA GLU A 573 -11.50 6.76 12.39
C GLU A 573 -11.28 5.30 12.79
N TYR A 574 -11.31 4.37 11.81
CA TYR A 574 -11.18 2.95 12.13
C TYR A 574 -9.82 2.55 12.66
N LYS A 575 -8.79 3.29 12.28
CA LYS A 575 -7.44 3.03 12.75
C LYS A 575 -7.17 3.56 14.17
N ARG A 576 -8.05 4.43 14.66
CA ARG A 576 -8.10 4.82 16.07
C ARG A 576 -6.83 5.53 16.58
N GLN A 577 -6.29 6.42 15.75
CA GLN A 577 -5.35 7.42 16.26
C GLN A 577 -5.94 8.12 17.51
N LEU A 578 -7.26 8.31 17.55
CA LEU A 578 -7.90 8.89 18.74
C LEU A 578 -7.71 8.08 20.03
N LEU A 579 -7.69 6.76 19.94
CA LEU A 579 -7.42 5.94 21.12
C LEU A 579 -6.00 6.22 21.65
N ASN A 580 -5.05 6.33 20.72
CA ASN A 580 -3.67 6.68 21.08
C ASN A 580 -3.66 8.06 21.77
N CYS A 581 -4.36 9.03 21.21
CA CYS A 581 -4.47 10.37 21.81
C CYS A 581 -4.98 10.30 23.23
N LEU A 582 -6.00 9.47 23.47
CA LEU A 582 -6.52 9.32 24.83
C LEU A 582 -5.47 8.79 25.80
N HIS A 583 -4.63 7.86 25.34
CA HIS A 583 -3.56 7.33 26.18
C HIS A 583 -2.50 8.40 26.48
N VAL A 584 -2.11 9.17 25.45
CA VAL A 584 -1.14 10.24 25.64
C VAL A 584 -1.63 11.24 26.67
N ILE A 585 -2.88 11.68 26.57
CA ILE A 585 -3.43 12.62 27.57
C ILE A 585 -3.45 11.97 28.98
N THR A 586 -3.75 10.68 29.05
CA THR A 586 -3.78 9.94 30.29
C THR A 586 -2.38 10.00 30.96
N LEU A 587 -1.34 9.69 30.20
CA LEU A 587 0.04 9.80 30.70
C LEU A 587 0.37 11.22 31.18
N TYR A 588 0.02 12.23 30.40
CA TYR A 588 0.22 13.63 30.77
C TYR A 588 -0.45 13.98 32.12
N ASN A 589 -1.72 13.60 32.24
CA ASN A 589 -2.47 13.84 33.49
C ASN A 589 -1.91 13.10 34.72
N ARG A 590 -1.44 11.88 34.53
CA ARG A 590 -0.77 11.12 35.60
C ARG A 590 0.53 11.78 36.05
N ILE A 591 1.31 12.28 35.09
CA ILE A 591 2.53 13.03 35.42
C ILE A 591 2.19 14.31 36.21
N LYS A 592 1.24 15.08 35.72
CA LYS A 592 0.83 16.32 36.40
C LYS A 592 0.27 16.07 37.83
N LYS A 593 -0.34 14.91 38.04
CA LYS A 593 -0.89 14.52 39.34
C LYS A 593 0.23 14.14 40.34
N GLU A 594 1.24 13.39 39.88
CA GLU A 594 2.38 12.95 40.70
C GLU A 594 3.70 13.23 39.96
N PRO A 595 4.11 14.51 39.92
CA PRO A 595 5.24 14.87 39.06
C PRO A 595 6.58 14.26 39.46
N ASN A 596 6.75 13.95 40.73
CA ASN A 596 8.03 13.45 41.24
C ASN A 596 8.19 11.91 41.24
N LYS A 597 7.22 11.21 40.66
CA LYS A 597 7.29 9.76 40.45
C LYS A 597 8.02 9.47 39.13
N PHE A 598 8.85 8.41 39.12
CA PHE A 598 9.47 7.94 37.89
C PHE A 598 8.42 7.37 36.94
N VAL A 599 8.54 7.74 35.66
CA VAL A 599 7.81 7.08 34.57
C VAL A 599 8.81 6.81 33.45
N VAL A 600 8.63 5.70 32.74
CA VAL A 600 9.46 5.40 31.59
C VAL A 600 9.26 6.51 30.54
N PRO A 601 10.34 7.21 30.17
CA PRO A 601 10.21 8.26 29.17
C PRO A 601 9.76 7.73 27.81
N ARG A 602 8.86 8.46 27.15
CA ARG A 602 8.39 8.12 25.82
C ARG A 602 8.47 9.31 24.89
N THR A 603 8.76 9.00 23.62
CA THR A 603 8.51 9.89 22.51
C THR A 603 7.41 9.25 21.70
N VAL A 604 6.26 9.92 21.68
CA VAL A 604 5.11 9.43 20.98
C VAL A 604 5.05 10.15 19.63
N MET A 605 5.16 9.35 18.57
CA MET A 605 5.18 9.83 17.21
C MET A 605 3.98 9.29 16.46
N ILE A 606 3.19 10.20 15.89
CA ILE A 606 2.05 9.86 15.10
C ILE A 606 2.21 10.58 13.77
N GLY A 607 2.00 9.85 12.68
CA GLY A 607 2.03 10.48 11.35
C GLY A 607 1.09 9.83 10.40
N GLY A 608 0.67 10.59 9.40
CA GLY A 608 -0.13 10.10 8.31
C GLY A 608 -0.93 11.21 7.66
N LYS A 609 -1.37 10.94 6.43
CA LYS A 609 -2.17 11.88 5.68
C LYS A 609 -3.66 11.63 5.87
N ALA A 610 -4.41 12.72 5.91
CA ALA A 610 -5.87 12.69 5.87
C ALA A 610 -6.32 12.96 4.45
N ALA A 611 -7.35 12.26 3.98
CA ALA A 611 -7.95 12.60 2.68
C ALA A 611 -8.47 14.05 2.75
N PRO A 612 -8.27 14.85 1.68
CA PRO A 612 -8.64 16.27 1.75
C PRO A 612 -10.10 16.55 2.13
N GLY A 613 -11.05 15.70 1.73
CA GLY A 613 -12.45 15.97 2.10
C GLY A 613 -12.94 15.34 3.39
N TYR A 614 -12.05 14.70 4.15
CA TYR A 614 -12.46 13.91 5.31
C TYR A 614 -12.25 14.78 6.54
N HIS A 615 -13.32 15.49 6.90
CA HIS A 615 -13.28 16.51 7.94
C HIS A 615 -12.79 15.96 9.30
N MET A 616 -13.34 14.84 9.75
CA MET A 616 -12.98 14.26 11.07
C MET A 616 -11.49 13.91 11.12
N ALA A 617 -10.95 13.37 10.03
CA ALA A 617 -9.53 13.05 9.95
C ALA A 617 -8.65 14.28 10.04
N LYS A 618 -9.10 15.37 9.42
CA LYS A 618 -8.39 16.63 9.56
C LYS A 618 -8.45 17.17 10.99
N MET A 619 -9.59 17.00 11.66
CA MET A 619 -9.69 17.41 13.07
C MET A 619 -8.77 16.58 14.00
N ILE A 620 -8.59 15.31 13.69
CA ILE A 620 -7.71 14.43 14.48
C ILE A 620 -6.26 14.89 14.39
N ILE A 621 -5.82 15.28 13.20
CA ILE A 621 -4.49 15.85 13.03
C ILE A 621 -4.33 17.08 13.91
N LYS A 622 -5.32 17.99 13.87
CA LYS A 622 -5.26 19.20 14.68
C LYS A 622 -5.22 18.89 16.20
N LEU A 623 -5.96 17.90 16.65
CA LEU A 623 -5.92 17.46 18.04
C LEU A 623 -4.53 16.97 18.41
N ILE A 624 -3.91 16.17 17.53
CA ILE A 624 -2.59 15.63 17.82
C ILE A 624 -1.57 16.75 17.98
N THR A 625 -1.58 17.72 17.08
CA THR A 625 -0.64 18.84 17.20
C THR A 625 -0.97 19.70 18.43
N ALA A 626 -2.25 19.85 18.76
CA ALA A 626 -2.67 20.64 19.92
C ALA A 626 -2.24 20.01 21.26
N ILE A 627 -2.25 18.68 21.32
CA ILE A 627 -1.75 17.94 22.47
C ILE A 627 -0.24 18.17 22.61
N GLY A 628 0.49 18.01 21.51
CA GLY A 628 1.92 18.39 21.45
C GLY A 628 2.24 19.79 21.93
N ASP A 629 1.44 20.76 21.50
CA ASP A 629 1.60 22.15 21.95
C ASP A 629 1.54 22.29 23.48
N VAL A 630 0.68 21.54 24.14
CA VAL A 630 0.58 21.59 25.61
C VAL A 630 1.70 20.76 26.25
N VAL A 631 1.81 19.50 25.86
CA VAL A 631 2.70 18.54 26.52
C VAL A 631 4.19 18.92 26.38
N ASN A 632 4.59 19.29 25.16
CA ASN A 632 5.98 19.54 24.85
C ASN A 632 6.51 20.82 25.48
N HIS A 633 5.65 21.70 25.96
CA HIS A 633 6.10 22.96 26.55
C HIS A 633 5.82 23.08 28.07
N ASP A 634 5.37 21.99 28.68
CA ASP A 634 5.09 21.96 30.10
C ASP A 634 6.41 21.64 30.82
N PRO A 635 6.95 22.59 31.61
CA PRO A 635 8.25 22.33 32.25
C PRO A 635 8.27 21.15 33.27
N VAL A 636 7.12 20.82 33.85
CA VAL A 636 7.02 19.72 34.82
C VAL A 636 7.20 18.34 34.17
N VAL A 637 6.75 18.21 32.93
CA VAL A 637 6.94 16.98 32.13
C VAL A 637 8.40 16.73 31.80
N GLY A 638 9.10 17.79 31.41
CA GLY A 638 10.52 17.71 31.06
C GLY A 638 10.66 16.98 29.75
N ASP A 639 11.64 16.08 29.67
CA ASP A 639 11.76 15.18 28.52
C ASP A 639 11.27 13.76 28.84
N ARG A 640 10.35 13.63 29.81
CA ARG A 640 9.69 12.34 30.06
C ARG A 640 8.59 11.98 29.04
N LEU A 641 8.03 12.98 28.35
CA LEU A 641 6.94 12.77 27.39
C LEU A 641 7.03 13.84 26.33
N ARG A 642 7.10 13.42 25.08
CA ARG A 642 7.08 14.29 23.90
C ARG A 642 6.10 13.71 22.92
N VAL A 643 5.34 14.58 22.25
CA VAL A 643 4.34 14.17 21.24
C VAL A 643 4.69 14.90 19.94
N ILE A 644 5.05 14.15 18.90
CA ILE A 644 5.51 14.69 17.64
C ILE A 644 4.56 14.19 16.54
N PHE A 645 4.06 15.12 15.72
CA PHE A 645 3.34 14.75 14.53
C PHE A 645 4.35 14.71 13.38
N LEU A 646 4.54 13.53 12.79
CA LEU A 646 5.49 13.35 11.69
C LEU A 646 4.82 13.76 10.37
N GLU A 647 5.31 14.84 9.82
CA GLU A 647 4.76 15.48 8.65
C GLU A 647 5.09 14.70 7.37
N ASN A 648 4.14 14.65 6.44
CA ASN A 648 4.35 14.07 5.11
C ASN A 648 4.79 12.59 5.09
N TYR A 649 4.12 11.78 5.91
CA TYR A 649 4.38 10.36 5.94
C TYR A 649 4.17 9.75 4.56
N ARG A 650 5.19 9.01 4.12
CA ARG A 650 5.27 8.46 2.75
C ARG A 650 6.29 7.33 2.80
N VAL A 651 6.51 6.67 1.68
CA VAL A 651 7.37 5.47 1.70
C VAL A 651 8.80 5.83 2.18
N SER A 652 9.39 6.91 1.69
CA SER A 652 10.75 7.25 2.09
C SER A 652 10.86 7.61 3.58
N LEU A 653 9.80 8.18 4.17
CA LEU A 653 9.79 8.44 5.62
C LEU A 653 9.60 7.13 6.40
N ALA A 654 8.77 6.22 5.90
CA ALA A 654 8.65 4.90 6.52
C ALA A 654 10.00 4.18 6.63
N GLU A 655 10.84 4.30 5.61
CA GLU A 655 12.13 3.66 5.60
C GLU A 655 13.07 4.19 6.67
N LYS A 656 12.84 5.43 7.11
CA LYS A 656 13.58 6.06 8.19
C LYS A 656 13.01 5.78 9.60
N VAL A 657 11.71 5.93 9.75
CA VAL A 657 11.13 5.83 11.11
C VAL A 657 10.93 4.39 11.60
N ILE A 658 10.59 3.48 10.70
CA ILE A 658 10.32 2.09 11.11
C ILE A 658 11.54 1.40 11.75
N PRO A 659 12.76 1.53 11.17
CA PRO A 659 13.92 0.96 11.86
C PRO A 659 14.24 1.57 13.22
N ALA A 660 13.72 2.76 13.49
CA ALA A 660 13.98 3.45 14.75
C ALA A 660 12.94 3.17 15.83
N ALA A 661 11.85 2.48 15.49
CA ALA A 661 10.74 2.32 16.44
C ALA A 661 11.00 1.23 17.49
N ASP A 662 10.52 1.48 18.71
CA ASP A 662 10.49 0.47 19.76
C ASP A 662 9.12 -0.21 19.85
N LEU A 663 8.05 0.58 19.71
CA LEU A 663 6.70 0.09 19.88
C LEU A 663 5.87 0.49 18.68
N SER A 664 5.23 -0.51 18.09
CA SER A 664 4.37 -0.42 16.92
C SER A 664 2.89 -0.42 17.33
N GLU A 665 2.16 0.62 16.99
CA GLU A 665 0.76 0.78 17.42
C GLU A 665 -0.12 0.28 16.28
N GLN A 666 -0.85 -0.80 16.55
CA GLN A 666 -1.71 -1.44 15.54
C GLN A 666 -3.05 -1.71 16.19
N ILE A 667 -3.87 -0.65 16.27
CA ILE A 667 -4.93 -0.61 17.29
C ILE A 667 -6.32 -0.35 16.70
N SER A 668 -6.52 -0.78 15.47
CA SER A 668 -7.82 -0.72 14.81
C SER A 668 -8.87 -1.54 15.58
N THR A 669 -10.12 -1.13 15.47
CA THR A 669 -11.22 -1.89 16.07
C THR A 669 -11.28 -3.26 15.41
N ALA A 670 -11.38 -4.33 16.20
CA ALA A 670 -11.41 -5.69 15.64
C ALA A 670 -12.47 -5.81 14.54
N GLY A 671 -12.08 -6.36 13.41
CA GLY A 671 -12.96 -6.52 12.25
C GLY A 671 -12.85 -5.47 11.16
N THR A 672 -11.96 -4.49 11.31
CA THR A 672 -11.91 -3.34 10.39
C THR A 672 -10.67 -3.24 9.55
N GLU A 673 -9.49 -3.59 10.07
CA GLU A 673 -8.26 -3.57 9.28
C GLU A 673 -8.11 -4.92 8.57
N ALA A 674 -8.32 -4.96 7.25
CA ALA A 674 -8.41 -6.25 6.54
C ALA A 674 -7.16 -7.07 6.78
N SER A 675 -5.98 -6.44 6.69
CA SER A 675 -4.73 -7.07 7.03
C SER A 675 -3.84 -6.14 7.82
N GLY A 676 -3.50 -5.00 7.23
CA GLY A 676 -2.36 -4.24 7.65
C GLY A 676 -1.11 -4.80 7.02
N THR A 677 -0.18 -3.89 6.72
CA THR A 677 1.17 -4.26 6.33
C THR A 677 2.26 -3.47 7.04
N GLY A 678 1.96 -2.26 7.51
CA GLY A 678 2.86 -1.55 8.40
C GLY A 678 3.24 -2.44 9.57
N ASN A 679 2.25 -3.14 10.11
CA ASN A 679 2.46 -4.07 11.23
C ASN A 679 3.66 -4.99 11.00
N MET A 680 3.70 -5.56 9.81
CA MET A 680 4.75 -6.52 9.43
C MET A 680 6.11 -5.83 9.28
N LYS A 681 6.11 -4.61 8.75
CA LYS A 681 7.35 -3.85 8.59
C LYS A 681 8.00 -3.62 9.94
N PHE A 682 7.19 -3.29 10.95
CA PHE A 682 7.73 -3.03 12.29
C PHE A 682 8.25 -4.31 12.95
N MET A 683 7.55 -5.41 12.75
CA MET A 683 7.99 -6.70 13.30
C MET A 683 9.38 -7.13 12.80
N LEU A 684 9.59 -6.96 11.51
CA LEU A 684 10.86 -7.29 10.87
C LEU A 684 12.03 -6.42 11.34
N ASN A 685 11.72 -5.21 11.80
CA ASN A 685 12.73 -4.23 12.15
C ASN A 685 12.97 -4.03 13.64
N GLY A 686 12.44 -4.91 14.47
CA GLY A 686 12.85 -4.95 15.89
C GLY A 686 12.03 -4.07 16.81
N ALA A 687 10.77 -3.80 16.44
CA ALA A 687 9.81 -3.19 17.35
C ALA A 687 8.87 -4.27 17.88
N LEU A 688 8.41 -4.08 19.10
CA LEU A 688 7.33 -4.91 19.66
C LEU A 688 6.01 -4.28 19.27
N THR A 689 4.96 -5.07 19.27
CA THR A 689 3.65 -4.63 18.82
C THR A 689 2.63 -4.57 19.96
N ILE A 690 1.91 -3.45 20.04
CA ILE A 690 0.71 -3.34 20.87
C ILE A 690 -0.44 -3.30 19.90
N GLY A 691 -1.37 -4.23 20.05
CA GLY A 691 -2.44 -4.30 19.06
C GLY A 691 -3.63 -5.14 19.46
N THR A 692 -4.69 -4.91 18.71
CA THR A 692 -5.90 -5.70 18.79
C THR A 692 -5.77 -6.93 17.92
N MET A 693 -6.64 -7.89 18.17
CA MET A 693 -6.70 -9.11 17.34
C MET A 693 -7.48 -8.80 16.03
N ASP A 694 -6.80 -8.09 15.14
CA ASP A 694 -7.41 -7.64 13.89
C ASP A 694 -6.46 -7.90 12.74
N GLY A 695 -7.02 -8.16 11.57
CA GLY A 695 -6.20 -8.40 10.38
C GLY A 695 -5.07 -9.38 10.59
N ALA A 696 -3.91 -9.04 10.07
CA ALA A 696 -2.75 -9.91 10.20
C ALA A 696 -2.13 -9.92 11.58
N ASN A 697 -2.50 -8.99 12.46
CA ASN A 697 -2.01 -9.03 13.86
C ASN A 697 -2.27 -10.41 14.47
N VAL A 698 -3.41 -11.02 14.14
CA VAL A 698 -3.75 -12.35 14.65
C VAL A 698 -2.69 -13.42 14.31
N GLU A 699 -2.28 -13.41 13.06
CA GLU A 699 -1.28 -14.33 12.54
C GLU A 699 0.10 -14.00 13.03
N MET A 700 0.41 -12.71 13.20
CA MET A 700 1.71 -12.33 13.76
C MET A 700 1.88 -12.86 15.20
N ALA A 701 0.84 -12.68 16.02
CA ALA A 701 0.81 -13.17 17.39
C ALA A 701 0.92 -14.69 17.45
N GLU A 702 0.24 -15.37 16.53
CA GLU A 702 0.33 -16.82 16.41
C GLU A 702 1.74 -17.30 16.06
N GLU A 703 2.40 -16.62 15.13
CA GLU A 703 3.77 -16.98 14.76
C GLU A 703 4.74 -16.72 15.90
N ALA A 704 4.64 -15.57 16.55
CA ALA A 704 5.61 -15.20 17.59
C ALA A 704 5.33 -15.83 18.95
N GLY A 705 4.07 -16.20 19.20
CA GLY A 705 3.61 -16.57 20.52
C GLY A 705 2.92 -15.36 21.13
N GLU A 706 1.74 -15.57 21.71
CA GLU A 706 0.97 -14.47 22.34
C GLU A 706 1.70 -13.83 23.52
N GLU A 707 2.56 -14.59 24.18
CA GLU A 707 3.40 -14.06 25.25
C GLU A 707 4.44 -13.01 24.78
N ASN A 708 4.70 -12.95 23.47
CA ASN A 708 5.68 -12.03 22.89
C ASN A 708 5.05 -10.89 22.10
N PHE A 709 3.77 -10.67 22.38
CA PHE A 709 2.94 -9.67 21.72
C PHE A 709 2.08 -9.00 22.79
N PHE A 710 1.85 -7.70 22.66
CA PHE A 710 1.02 -6.96 23.62
C PHE A 710 -0.39 -6.85 23.05
N ILE A 711 -1.18 -7.89 23.29
CA ILE A 711 -2.54 -7.97 22.78
C ILE A 711 -3.48 -7.38 23.79
N PHE A 712 -4.45 -6.60 23.31
CA PHE A 712 -5.51 -6.07 24.16
C PHE A 712 -6.82 -5.91 23.37
N GLY A 713 -7.89 -5.73 24.14
CA GLY A 713 -9.13 -5.22 23.61
C GLY A 713 -10.12 -6.26 23.11
N MET A 714 -11.25 -5.75 22.65
CA MET A 714 -12.30 -6.58 22.10
C MET A 714 -11.80 -7.41 20.92
N ARG A 715 -12.19 -8.67 20.90
CA ARG A 715 -12.13 -9.52 19.69
C ARG A 715 -13.36 -9.21 18.83
N VAL A 716 -13.37 -9.72 17.59
CA VAL A 716 -14.50 -9.53 16.65
C VAL A 716 -15.84 -9.90 17.28
N GLU A 717 -15.86 -11.03 17.96
CA GLU A 717 -17.05 -11.56 18.65
C GLU A 717 -17.56 -10.61 19.75
N ASP A 718 -16.63 -9.93 20.43
CA ASP A 718 -17.00 -8.97 21.48
C ASP A 718 -17.61 -7.73 20.84
N VAL A 719 -17.10 -7.30 19.71
CA VAL A 719 -17.69 -6.16 19.00
C VAL A 719 -19.13 -6.48 18.59
N ASP A 720 -19.34 -7.66 18.02
CA ASP A 720 -20.67 -8.15 17.65
C ASP A 720 -21.61 -8.17 18.85
N ARG A 721 -21.15 -8.65 20.00
CA ARG A 721 -21.99 -8.69 21.22
C ARG A 721 -22.40 -7.28 21.65
N LEU A 722 -21.45 -6.34 21.62
CA LEU A 722 -21.77 -4.93 21.92
C LEU A 722 -22.78 -4.31 20.95
N ASP A 723 -22.65 -4.63 19.66
CA ASP A 723 -23.57 -4.10 18.63
C ASP A 723 -25.00 -4.61 18.83
N GLN A 724 -25.15 -5.86 19.25
CA GLN A 724 -26.46 -6.43 19.51
C GLN A 724 -27.13 -5.78 20.71
N ARG A 725 -26.37 -5.52 21.77
CA ARG A 725 -26.89 -4.81 22.94
C ARG A 725 -27.05 -3.30 22.70
N GLY A 726 -26.21 -2.71 21.85
CA GLY A 726 -26.18 -1.26 21.63
C GLY A 726 -25.01 -0.61 22.36
N TYR A 727 -24.11 -0.01 21.60
CA TYR A 727 -22.98 0.71 22.18
C TYR A 727 -23.44 2.01 22.79
N ASN A 728 -23.20 2.17 24.08
CA ASN A 728 -23.49 3.38 24.79
C ASN A 728 -22.20 3.91 25.42
N ALA A 729 -21.62 4.93 24.78
CA ALA A 729 -20.36 5.51 25.23
C ALA A 729 -20.46 6.18 26.60
N GLN A 730 -21.63 6.71 26.92
CA GLN A 730 -21.86 7.36 28.21
C GLN A 730 -21.55 6.44 29.41
N GLU A 731 -21.82 5.15 29.26
CA GLU A 731 -21.54 4.17 30.31
C GLU A 731 -20.05 4.19 30.72
N TYR A 732 -19.16 4.26 29.72
CA TYR A 732 -17.71 4.28 29.97
C TYR A 732 -17.30 5.60 30.62
N TYR A 733 -17.86 6.70 30.12
CA TYR A 733 -17.66 8.03 30.70
C TYR A 733 -18.06 8.07 32.17
N ASP A 734 -19.22 7.47 32.49
CA ASP A 734 -19.69 7.48 33.87
C ASP A 734 -18.83 6.61 34.81
N ARG A 735 -18.21 5.55 34.30
CA ARG A 735 -17.51 4.56 35.14
C ARG A 735 -16.02 4.75 35.27
N ILE A 736 -15.41 5.53 34.38
CA ILE A 736 -13.95 5.64 34.35
C ILE A 736 -13.56 7.10 34.56
N PRO A 737 -13.20 7.49 35.82
CA PRO A 737 -12.85 8.87 36.13
C PRO A 737 -11.73 9.48 35.25
N GLU A 738 -10.71 8.69 34.92
CA GLU A 738 -9.61 9.19 34.08
C GLU A 738 -10.09 9.57 32.68
N LEU A 739 -11.07 8.83 32.16
CA LEU A 739 -11.67 9.12 30.86
C LEU A 739 -12.57 10.36 30.91
N ARG A 740 -13.37 10.49 31.96
CA ARG A 740 -14.19 11.66 32.17
C ARG A 740 -13.35 12.94 32.20
N GLN A 741 -12.24 12.90 32.95
CA GLN A 741 -11.32 14.04 33.02
C GLN A 741 -10.86 14.47 31.62
N ILE A 742 -10.52 13.52 30.78
CA ILE A 742 -10.02 13.84 29.42
C ILE A 742 -11.09 14.53 28.58
N ILE A 743 -12.31 14.00 28.65
CA ILE A 743 -13.42 14.54 27.87
C ILE A 743 -13.75 15.94 28.35
N GLU A 744 -13.72 16.17 29.66
CA GLU A 744 -13.91 17.50 30.20
C GLU A 744 -12.79 18.48 29.78
N GLN A 745 -11.55 17.99 29.67
CA GLN A 745 -10.46 18.82 29.18
C GLN A 745 -10.64 19.21 27.71
N LEU A 746 -11.01 18.25 26.87
CA LEU A 746 -11.33 18.51 25.46
C LEU A 746 -12.48 19.53 25.28
N SER A 747 -13.58 19.30 26.01
CA SER A 747 -14.78 20.14 25.91
C SER A 747 -14.58 21.55 26.39
N SER A 748 -13.79 21.72 27.43
CA SER A 748 -13.69 23.01 28.10
C SER A 748 -12.60 23.92 27.52
N GLY A 749 -11.80 23.42 26.58
CA GLY A 749 -10.82 24.27 25.91
C GLY A 749 -9.40 24.22 26.47
N PHE A 750 -9.08 23.17 27.22
CA PHE A 750 -7.74 22.98 27.79
C PHE A 750 -6.65 22.85 26.71
N PHE A 751 -6.96 22.18 25.60
CA PHE A 751 -6.05 22.00 24.47
C PHE A 751 -6.27 23.00 23.33
N SER A 752 -7.12 24.00 23.54
CA SER A 752 -7.35 25.06 22.56
C SER A 752 -7.87 26.33 23.28
N PRO A 753 -7.02 26.97 24.11
CA PRO A 753 -7.47 28.10 24.95
C PRO A 753 -8.16 29.24 24.19
N LYS A 754 -7.64 29.59 23.01
CA LYS A 754 -8.19 30.68 22.20
C LYS A 754 -9.48 30.31 21.44
N GLN A 755 -9.72 29.01 21.23
CA GLN A 755 -10.95 28.54 20.60
C GLN A 755 -11.49 27.39 21.45
N PRO A 756 -12.16 27.70 22.57
CA PRO A 756 -12.59 26.65 23.52
C PRO A 756 -13.47 25.53 22.95
N ASP A 757 -14.25 25.83 21.91
CA ASP A 757 -15.13 24.81 21.30
C ASP A 757 -14.51 24.11 20.06
N LEU A 758 -13.21 24.26 19.85
CA LEU A 758 -12.59 23.75 18.62
C LEU A 758 -12.81 22.25 18.43
N PHE A 759 -12.78 21.48 19.53
CA PHE A 759 -12.87 20.01 19.46
C PHE A 759 -14.26 19.43 19.76
N LYS A 760 -15.31 20.25 19.67
CA LYS A 760 -16.67 19.76 20.04
C LYS A 760 -17.17 18.67 19.07
N ASP A 761 -16.78 18.74 17.80
CA ASP A 761 -17.15 17.69 16.85
C ASP A 761 -16.54 16.33 17.26
N ILE A 762 -15.30 16.35 17.76
CA ILE A 762 -14.65 15.11 18.22
C ILE A 762 -15.36 14.55 19.45
N VAL A 763 -15.60 15.40 20.45
CA VAL A 763 -16.31 14.99 21.67
C VAL A 763 -17.69 14.45 21.37
N ASN A 764 -18.42 15.14 20.48
CA ASN A 764 -19.76 14.72 20.14
C ASN A 764 -19.77 13.36 19.43
N MET A 765 -18.79 13.14 18.55
CA MET A 765 -18.67 11.87 17.86
C MET A 765 -18.37 10.75 18.88
N LEU A 766 -17.38 10.97 19.74
CA LEU A 766 -17.00 9.95 20.74
C LEU A 766 -18.14 9.57 21.68
N MET A 767 -18.89 10.58 22.13
CA MET A 767 -19.99 10.37 23.05
C MET A 767 -21.27 9.79 22.42
N HIS A 768 -21.56 10.11 21.15
CA HIS A 768 -22.87 9.76 20.55
C HIS A 768 -22.89 8.99 19.25
N HIS A 769 -21.84 9.04 18.43
CA HIS A 769 -21.88 8.25 17.16
C HIS A 769 -20.54 7.74 16.74
N ASP A 770 -19.91 7.05 17.69
CA ASP A 770 -18.64 6.43 17.43
C ASP A 770 -18.87 5.01 16.90
N ARG A 771 -18.68 4.82 15.60
CA ARG A 771 -18.79 3.51 14.97
C ARG A 771 -17.66 2.58 15.37
N PHE A 772 -16.57 3.11 15.91
CA PHE A 772 -15.38 2.29 16.15
C PHE A 772 -15.04 2.06 17.64
N LYS A 773 -15.96 2.47 18.53
CA LYS A 773 -15.98 2.02 19.92
C LYS A 773 -14.66 2.32 20.67
N VAL A 774 -14.19 3.55 20.52
CA VAL A 774 -12.93 3.98 21.12
C VAL A 774 -12.94 3.79 22.64
N PHE A 775 -14.01 4.22 23.31
CA PHE A 775 -14.08 4.13 24.76
C PHE A 775 -14.08 2.66 25.23
N ALA A 776 -14.65 1.76 24.44
CA ALA A 776 -14.78 0.37 24.83
C ALA A 776 -13.46 -0.37 24.99
N ASP A 777 -12.39 0.09 24.32
CA ASP A 777 -11.07 -0.50 24.45
C ASP A 777 -10.08 0.33 25.30
N TYR A 778 -10.55 1.44 25.87
CA TYR A 778 -9.68 2.39 26.56
C TYR A 778 -9.00 1.78 27.80
N GLU A 779 -9.78 1.20 28.71
CA GLU A 779 -9.22 0.63 29.94
C GLU A 779 -8.18 -0.46 29.67
N GLU A 780 -8.51 -1.41 28.80
CA GLU A 780 -7.56 -2.50 28.46
C GLU A 780 -6.30 -1.97 27.76
N TYR A 781 -6.47 -0.95 26.92
CA TYR A 781 -5.35 -0.33 26.21
C TYR A 781 -4.36 0.33 27.19
N VAL A 782 -4.87 1.13 28.12
CA VAL A 782 -4.03 1.79 29.12
C VAL A 782 -3.29 0.76 29.98
N LYS A 783 -4.00 -0.27 30.44
CA LYS A 783 -3.36 -1.34 31.24
C LYS A 783 -2.29 -2.08 30.47
N CYS A 784 -2.54 -2.34 29.19
CA CYS A 784 -1.56 -3.00 28.34
C CYS A 784 -0.31 -2.13 28.11
N GLN A 785 -0.50 -0.83 27.90
CA GLN A 785 0.58 0.14 27.82
C GLN A 785 1.46 0.19 29.08
N GLU A 786 0.86 -0.02 30.26
CA GLU A 786 1.62 -0.11 31.50
C GLU A 786 2.53 -1.35 31.49
N ARG A 787 2.08 -2.46 30.92
CA ARG A 787 2.92 -3.64 30.77
C ARG A 787 4.10 -3.42 29.80
N VAL A 788 3.88 -2.59 28.78
CA VAL A 788 4.93 -2.24 27.83
C VAL A 788 6.02 -1.49 28.56
N SER A 789 5.63 -0.48 29.34
CA SER A 789 6.58 0.32 30.09
C SER A 789 7.38 -0.52 31.09
N ALA A 790 6.72 -1.47 31.74
CA ALA A 790 7.39 -2.36 32.69
C ALA A 790 8.47 -3.17 32.00
N LEU A 791 8.18 -3.70 30.81
CA LEU A 791 9.18 -4.49 30.09
C LEU A 791 10.35 -3.63 29.56
N TYR A 792 10.06 -2.40 29.16
CA TYR A 792 11.11 -1.52 28.65
C TYR A 792 12.18 -1.19 29.69
N LYS A 793 11.79 -1.17 30.95
CA LYS A 793 12.72 -1.02 32.09
C LYS A 793 13.77 -2.12 32.23
N ASN A 794 13.54 -3.28 31.61
CA ASN A 794 14.48 -4.40 31.64
C ASN A 794 14.99 -4.63 30.19
N PRO A 795 16.00 -3.84 29.76
CA PRO A 795 16.47 -3.88 28.37
C PRO A 795 16.82 -5.28 27.85
N ARG A 796 17.42 -6.11 28.70
CA ARG A 796 17.77 -7.48 28.28
C ARG A 796 16.53 -8.31 27.87
N GLU A 797 15.47 -8.25 28.67
CA GLU A 797 14.25 -9.00 28.39
C GLU A 797 13.44 -8.39 27.25
N TRP A 798 13.44 -7.06 27.17
CA TRP A 798 12.85 -6.40 26.01
C TRP A 798 13.50 -6.93 24.72
N THR A 799 14.84 -6.91 24.69
CA THR A 799 15.58 -7.33 23.50
C THR A 799 15.40 -8.82 23.17
N ARG A 800 15.30 -9.67 24.20
CA ARG A 800 15.01 -11.09 23.97
C ARG A 800 13.65 -11.28 23.31
N MET A 801 12.65 -10.55 23.79
CA MET A 801 11.33 -10.57 23.15
C MET A 801 11.38 -10.08 21.68
N VAL A 802 12.14 -9.02 21.45
CA VAL A 802 12.40 -8.56 20.09
C VAL A 802 12.97 -9.66 19.20
N ILE A 803 13.98 -10.37 19.68
CA ILE A 803 14.57 -11.46 18.88
C ILE A 803 13.52 -12.50 18.53
N ARG A 804 12.65 -12.82 19.46
CA ARG A 804 11.57 -13.77 19.20
C ARG A 804 10.57 -13.30 18.13
N ASN A 805 10.38 -11.98 18.03
CA ASN A 805 9.53 -11.41 16.98
C ASN A 805 10.24 -11.44 15.60
N ILE A 806 11.47 -10.95 15.53
CA ILE A 806 12.21 -10.94 14.27
C ILE A 806 12.36 -12.36 13.73
N ALA A 807 12.72 -13.28 14.63
CA ALA A 807 12.92 -14.68 14.27
C ALA A 807 11.69 -15.39 13.66
N THR A 808 10.48 -14.93 13.98
CA THR A 808 9.23 -15.58 13.53
C THR A 808 8.49 -14.72 12.49
N SER A 809 9.17 -13.71 11.93
CA SER A 809 8.54 -12.80 10.97
C SER A 809 8.55 -13.35 9.52
N GLY A 810 9.18 -14.52 9.31
CA GLY A 810 9.37 -15.09 7.99
C GLY A 810 8.11 -15.32 7.16
N LYS A 811 7.02 -15.71 7.83
CA LYS A 811 5.74 -15.91 7.15
C LYS A 811 5.28 -14.64 6.39
N PHE A 812 5.73 -13.47 6.84
CA PHE A 812 5.22 -12.20 6.33
C PHE A 812 6.01 -11.63 5.18
N SER A 813 6.87 -12.44 4.58
CA SER A 813 7.49 -12.13 3.31
C SER A 813 6.45 -12.19 2.19
N SER A 814 6.44 -11.15 1.36
CA SER A 814 5.62 -11.17 0.15
C SER A 814 6.06 -12.27 -0.84
N ASP A 815 7.26 -12.83 -0.68
CA ASP A 815 7.66 -14.00 -1.47
C ASP A 815 6.77 -15.19 -1.16
N ARG A 816 6.39 -15.35 0.12
CA ARG A 816 5.49 -16.43 0.53
C ARG A 816 4.10 -16.16 -0.06
N THR A 817 3.60 -14.94 0.09
CA THR A 817 2.31 -14.55 -0.43
C THR A 817 2.23 -14.86 -1.95
N ILE A 818 3.21 -14.37 -2.70
CA ILE A 818 3.20 -14.54 -4.15
C ILE A 818 3.33 -16.00 -4.57
N ALA A 819 4.13 -16.81 -3.89
CA ALA A 819 4.17 -18.25 -4.20
C ALA A 819 2.80 -18.90 -4.02
N GLN A 820 2.02 -18.44 -3.04
CA GLN A 820 0.67 -18.98 -2.84
C GLN A 820 -0.30 -18.55 -3.94
N TYR A 821 -0.30 -17.27 -4.31
CA TYR A 821 -1.07 -16.84 -5.48
C TYR A 821 -0.71 -17.66 -6.73
N ALA A 822 0.60 -17.81 -6.95
CA ALA A 822 1.11 -18.51 -8.13
C ALA A 822 0.59 -19.95 -8.21
N ARG A 823 0.74 -20.70 -7.12
CA ARG A 823 0.32 -22.09 -7.09
C ARG A 823 -1.19 -22.30 -6.99
N GLU A 824 -1.88 -21.46 -6.21
CA GLU A 824 -3.29 -21.74 -5.85
C GLU A 824 -4.29 -20.94 -6.69
N ILE A 825 -3.83 -19.91 -7.38
CA ILE A 825 -4.70 -19.10 -8.20
C ILE A 825 -4.27 -19.07 -9.65
N TRP A 826 -3.00 -18.75 -9.92
CA TRP A 826 -2.53 -18.51 -11.29
C TRP A 826 -2.13 -19.74 -12.03
N GLY A 827 -1.81 -20.83 -11.30
CA GLY A 827 -1.41 -22.08 -11.90
C GLY A 827 -0.04 -22.04 -12.55
N VAL A 828 0.91 -21.37 -11.91
CA VAL A 828 2.31 -21.30 -12.40
C VAL A 828 3.24 -21.62 -11.24
N GLU A 829 4.42 -22.13 -11.57
CA GLU A 829 5.38 -22.54 -10.56
C GLU A 829 6.44 -21.44 -10.40
N PRO A 830 6.63 -20.90 -9.19
CA PRO A 830 7.75 -19.98 -8.97
C PRO A 830 9.12 -20.64 -9.22
N SER A 831 10.15 -19.83 -9.43
CA SER A 831 11.51 -20.32 -9.65
C SER A 831 12.51 -19.36 -9.03
N ARG A 832 13.53 -19.90 -8.36
CA ARG A 832 14.65 -19.10 -7.81
C ARG A 832 15.87 -19.11 -8.73
N GLN A 833 15.76 -19.78 -9.88
CA GLN A 833 16.86 -19.86 -10.85
C GLN A 833 17.17 -18.51 -11.54
N ARG A 834 18.47 -18.28 -11.75
CA ARG A 834 19.01 -17.06 -12.33
C ARG A 834 18.99 -17.20 -13.84
N LEU A 835 18.57 -16.14 -14.54
CA LEU A 835 18.86 -15.98 -15.96
C LEU A 835 20.36 -15.65 -16.09
N PRO A 836 20.97 -15.97 -17.25
CA PRO A 836 22.41 -15.65 -17.42
C PRO A 836 22.66 -14.13 -17.43
N ALA A 837 23.79 -13.70 -16.87
CA ALA A 837 24.14 -12.28 -16.71
C ALA A 837 24.64 -11.66 -18.02
O5 B1N B . -5.44 -2.69 1.74
C5 B1N B . -4.25 -3.17 2.39
C4 B1N B . -4.59 -3.81 3.79
O4 B1N B . -3.39 -4.24 4.44
C3 B1N B . -5.35 -2.83 4.66
O3 B1N B . -5.88 -3.53 5.81
C2 B1N B . -6.53 -2.20 3.84
O2 B1N B . -7.22 -1.19 4.61
C1 B1N B . -6.02 -1.61 2.50
C8 B1N B . -10.53 2.29 -1.68
C6A B1N B . -8.75 1.16 -0.47
N2 B1N B . -8.36 -1.63 1.57
N3 B1N B . -9.10 -0.85 0.73
C4A B1N B . -8.35 0.18 0.36
C11 B1N B . -7.83 2.05 -1.05
C10 B1N B . -8.27 3.05 -1.92
C9 B1N B . -9.61 3.16 -2.24
O12 B1N B . -10.01 4.13 -3.09
C7 B1N B . -10.12 1.28 -0.81
N5 B1N B . -7.13 0.06 0.95
C1A B1N B . -7.17 -1.06 1.67
C6 B1N B . -3.57 -4.18 1.49
O6 B1N B . -4.40 -5.35 1.41
N1 PLP C . 1.63 4.11 3.97
C2 PLP C . 2.92 3.91 3.72
C2A PLP C . 3.76 5.04 3.22
C3 PLP C . 3.51 2.58 3.90
O3 PLP C . 4.81 2.31 3.68
C4 PLP C . 2.65 1.52 4.44
C4A PLP C . 3.16 0.13 4.65
C5 PLP C . 1.24 1.83 4.67
C6 PLP C . 0.82 3.14 4.45
C5A PLP C . 0.30 0.78 5.22
O4P PLP C . 0.41 0.82 6.66
P PLP C . -0.83 0.26 7.58
O1P PLP C . -0.29 0.52 8.96
O2P PLP C . -2.04 1.04 7.20
O3P PLP C . -0.91 -1.20 7.18
P IMP D . 6.08 -6.99 -25.84
O1P IMP D . 5.99 -8.15 -24.89
O2P IMP D . 5.89 -7.39 -27.29
O3P IMP D . 5.25 -5.79 -25.43
O5' IMP D . 7.59 -6.42 -25.72
C5' IMP D . 8.76 -7.25 -25.65
C4' IMP D . 9.17 -7.68 -27.06
O4' IMP D . 9.08 -9.11 -27.18
C3' IMP D . 10.58 -7.30 -27.53
O3' IMP D . 11.47 -6.83 -26.50
C2' IMP D . 11.12 -8.57 -28.20
O2' IMP D . 12.25 -9.12 -27.52
C1' IMP D . 9.96 -9.57 -28.21
N9 IMP D . 9.26 -9.60 -29.53
C8 IMP D . 8.01 -9.16 -29.83
N7 IMP D . 7.72 -9.34 -31.14
C5 IMP D . 8.78 -9.91 -31.72
C6 IMP D . 9.15 -10.38 -33.08
O6 IMP D . 8.34 -10.27 -34.03
N1 IMP D . 10.36 -10.93 -33.28
C2 IMP D . 11.26 -11.06 -32.26
N3 IMP D . 10.99 -10.66 -31.00
C4 IMP D . 9.80 -10.09 -30.67
#